data_3TPT
#
_entry.id   3TPT
#
_cell.length_a   68.600
_cell.length_b   84.430
_cell.length_c   69.630
_cell.angle_alpha   90.00
_cell.angle_beta   91.66
_cell.angle_gamma   90.00
#
_symmetry.space_group_name_H-M   'P 1 21 1'
#
loop_
_entity.id
_entity.type
_entity.pdbx_description
1 polymer 'Serine/threonine-protein kinase HipA'
2 non-polymer "ADENOSINE-5'-DIPHOSPHATE"
3 non-polymer 'MAGNESIUM ION'
4 non-polymer 'SULFATE ION'
5 water water
#
_entity_poly.entity_id   1
_entity_poly.type   'polypeptide(L)'
_entity_poly.pdbx_seq_one_letter_code
;MPKLVTWMNNQRVGELTKLANGAHTFKYAPEWLASRYARPLSLSLPLQRGNITSDAVFNFFDNLLPDSPIVRDRIVKRYH
AKSRQPFDLLSEIGRDSVGAVTLIPEDETVTHPIMAWEKLTEARLEEVLTAYKADIPLGMIREENDFRISVAGAQEKTAL
LRIGNDWCIPKGITPTTHIIKLPIGEIRQPNATLDLSQSVDNEYYCLLLAKELGLNVPDAEIIKAGNVRALAVERFDRRW
NARRTVLLRLPQEDMCQTFGLPSSVKYESDGGPGIARIMAFLMGSSEALKDRYDFMKFQVFQWLIGATQGHAKNFSVFIQ
AGGSYRLTPFYDIISAFPVLGGTGIHISDLKLAMGLNASKGKKTAIDKIYPRHFLATAKVLRFPEVQMHEILSDFARMIP
AALDNVKTSLPTDFPENVVTAVESNVLRLHGRLSREYGSK
;
_entity_poly.pdbx_strand_id   A,B
#
loop_
_chem_comp.id
_chem_comp.type
_chem_comp.name
_chem_comp.formula
ADP non-polymer ADENOSINE-5'-DIPHOSPHATE 'C10 H15 N5 O10 P2'
MG non-polymer 'MAGNESIUM ION' 'Mg 2'
SO4 non-polymer 'SULFATE ION' 'O4 S -2'
#
# COMPACT_ATOMS: atom_id res chain seq x y z
N PRO A 2 -3.92 -2.41 -14.11
CA PRO A 2 -4.48 -3.62 -14.78
C PRO A 2 -3.44 -4.40 -15.59
N LYS A 3 -2.56 -3.68 -16.30
CA LYS A 3 -1.54 -4.32 -17.11
C LYS A 3 -0.32 -3.42 -17.29
N LEU A 4 0.86 -3.94 -16.93
CA LEU A 4 2.10 -3.20 -17.06
C LEU A 4 2.96 -3.74 -18.20
N VAL A 5 3.25 -2.89 -19.18
CA VAL A 5 4.07 -3.30 -20.32
C VAL A 5 5.53 -3.24 -19.89
N THR A 6 6.28 -4.28 -20.29
CA THR A 6 7.69 -4.40 -19.95
C THR A 6 8.62 -4.06 -21.11
N TRP A 7 9.48 -3.07 -20.89
CA TRP A 7 10.42 -2.66 -21.92
C TRP A 7 11.85 -2.81 -21.45
N MET A 8 12.76 -2.82 -22.42
CA MET A 8 14.18 -2.89 -22.13
C MET A 8 14.72 -1.83 -23.08
N ASN A 9 15.03 -0.68 -22.51
CA ASN A 9 15.50 0.42 -23.30
C ASN A 9 14.37 0.76 -24.27
N ASN A 10 14.58 0.65 -25.57
CA ASN A 10 13.52 1.00 -26.49
C ASN A 10 12.68 -0.13 -27.08
N GLN A 11 12.88 -1.36 -26.63
CA GLN A 11 12.13 -2.49 -27.17
C GLN A 11 11.13 -3.06 -26.19
N ARG A 12 9.97 -3.47 -26.69
CA ARG A 12 8.94 -4.06 -25.84
C ARG A 12 9.29 -5.53 -25.61
N VAL A 13 9.40 -5.92 -24.35
CA VAL A 13 9.75 -7.30 -24.03
C VAL A 13 8.50 -8.14 -23.82
N GLY A 14 7.52 -7.57 -23.13
CA GLY A 14 6.29 -8.30 -22.87
C GLY A 14 5.37 -7.52 -21.95
N GLU A 15 4.56 -8.24 -21.18
CA GLU A 15 3.65 -7.58 -20.28
C GLU A 15 3.37 -8.35 -19.00
N LEU A 16 3.29 -7.62 -17.90
CA LEU A 16 3.00 -8.20 -16.60
C LEU A 16 1.55 -7.84 -16.27
N THR A 17 0.76 -8.86 -15.95
CA THR A 17 -0.64 -8.62 -15.64
C THR A 17 -1.01 -9.32 -14.33
N LYS A 18 -1.93 -8.71 -13.60
CA LYS A 18 -2.42 -9.24 -12.34
C LYS A 18 -3.80 -9.79 -12.62
N LEU A 19 -3.91 -11.11 -12.64
CA LEU A 19 -5.19 -11.77 -12.93
C LEU A 19 -6.27 -11.61 -11.86
N ALA A 20 -7.44 -12.14 -12.16
CA ALA A 20 -8.59 -12.07 -11.27
C ALA A 20 -8.38 -12.82 -9.96
N ASN A 21 -7.61 -13.91 -10.00
CA ASN A 21 -7.32 -14.69 -8.80
C ASN A 21 -6.13 -14.15 -8.01
N GLY A 22 -5.65 -12.97 -8.42
CA GLY A 22 -4.53 -12.35 -7.73
C GLY A 22 -3.11 -12.77 -8.12
N ALA A 23 -3.01 -13.82 -8.93
CA ALA A 23 -1.70 -14.32 -9.36
C ALA A 23 -1.05 -13.38 -10.38
N HIS A 24 0.28 -13.35 -10.38
CA HIS A 24 1.03 -12.51 -11.30
C HIS A 24 1.44 -13.35 -12.51
N THR A 25 1.09 -12.91 -13.70
CA THR A 25 1.46 -13.66 -14.90
C THR A 25 2.28 -12.77 -15.82
N PHE A 26 3.06 -13.40 -16.69
CA PHE A 26 3.89 -12.65 -17.63
C PHE A 26 3.89 -13.35 -18.96
N LYS A 27 3.75 -12.57 -20.03
CA LYS A 27 3.76 -13.10 -21.38
C LYS A 27 4.80 -12.32 -22.17
N TYR A 28 5.66 -13.01 -22.91
CA TYR A 28 6.67 -12.36 -23.74
C TYR A 28 5.99 -11.89 -25.01
N ALA A 29 6.48 -10.80 -25.59
CA ALA A 29 5.91 -10.28 -26.83
C ALA A 29 6.40 -11.15 -27.99
N PRO A 30 5.50 -11.54 -28.90
CA PRO A 30 5.94 -12.38 -30.03
C PRO A 30 7.13 -11.72 -30.75
N GLU A 31 7.07 -10.40 -30.87
CA GLU A 31 8.12 -9.65 -31.54
C GLU A 31 9.43 -9.83 -30.78
N TRP A 32 9.38 -9.74 -29.46
CA TRP A 32 10.62 -9.90 -28.70
C TRP A 32 11.16 -11.30 -28.95
N LEU A 33 10.29 -12.30 -28.89
CA LEU A 33 10.71 -13.68 -29.12
C LEU A 33 11.36 -13.83 -30.48
N ALA A 34 10.87 -13.08 -31.47
CA ALA A 34 11.42 -13.18 -32.81
C ALA A 34 12.63 -12.28 -33.02
N SER A 35 12.80 -11.29 -32.15
CA SER A 35 13.92 -10.35 -32.25
C SER A 35 15.30 -11.00 -32.41
N ARG A 36 16.21 -10.22 -32.96
CA ARG A 36 17.58 -10.61 -33.24
C ARG A 36 18.35 -11.34 -32.14
N TYR A 37 18.64 -10.65 -31.05
CA TYR A 37 19.38 -11.27 -29.95
C TYR A 37 18.53 -11.34 -28.68
N ALA A 38 17.32 -11.87 -28.80
CA ALA A 38 16.39 -11.97 -27.68
C ALA A 38 17.02 -12.63 -26.45
N ARG A 39 16.60 -12.17 -25.27
CA ARG A 39 17.09 -12.73 -24.02
C ARG A 39 15.95 -12.71 -23.03
N PRO A 40 15.98 -13.62 -22.04
CA PRO A 40 14.92 -13.67 -21.03
C PRO A 40 15.05 -12.55 -20.00
N LEU A 41 13.93 -12.20 -19.36
CA LEU A 41 13.94 -11.18 -18.32
C LEU A 41 14.76 -11.73 -17.15
N SER A 42 14.76 -13.06 -17.02
CA SER A 42 15.48 -13.73 -15.96
C SER A 42 15.69 -15.16 -16.37
N LEU A 43 16.77 -15.77 -15.86
CA LEU A 43 17.03 -17.16 -16.18
C LEU A 43 16.00 -18.08 -15.54
N SER A 44 15.12 -17.53 -14.71
CA SER A 44 14.07 -18.37 -14.10
C SER A 44 12.79 -18.23 -14.93
N LEU A 45 12.81 -17.34 -15.92
CA LEU A 45 11.68 -17.13 -16.80
C LEU A 45 12.16 -17.24 -18.26
N PRO A 46 12.55 -18.44 -18.71
CA PRO A 46 13.04 -18.57 -20.10
C PRO A 46 12.05 -18.18 -21.20
N LEU A 47 12.60 -17.70 -22.32
CA LEU A 47 11.79 -17.29 -23.47
C LEU A 47 10.87 -18.43 -23.87
N GLN A 48 9.59 -18.10 -24.06
CA GLN A 48 8.57 -19.08 -24.42
C GLN A 48 7.34 -18.29 -24.80
N ARG A 49 6.41 -18.94 -25.50
CA ARG A 49 5.18 -18.29 -25.89
C ARG A 49 4.10 -18.53 -24.83
N GLY A 50 3.20 -17.58 -24.67
CA GLY A 50 2.13 -17.74 -23.71
C GLY A 50 2.41 -17.27 -22.31
N ASN A 51 1.36 -17.32 -21.50
CA ASN A 51 1.43 -16.87 -20.12
C ASN A 51 2.29 -17.75 -19.21
N ILE A 52 3.17 -17.10 -18.46
CA ILE A 52 4.00 -17.80 -17.50
C ILE A 52 3.28 -17.52 -16.19
N THR A 53 3.03 -18.56 -15.41
CA THR A 53 2.30 -18.37 -14.18
C THR A 53 2.95 -18.90 -12.90
N SER A 54 4.16 -19.44 -13.03
CA SER A 54 4.88 -19.96 -11.88
C SER A 54 5.14 -18.88 -10.84
N ASP A 55 5.53 -19.29 -9.64
CA ASP A 55 5.83 -18.35 -8.58
C ASP A 55 7.14 -17.60 -8.90
N ALA A 56 7.77 -18.00 -10.00
CA ALA A 56 9.02 -17.38 -10.44
C ALA A 56 8.75 -15.97 -10.97
N VAL A 57 7.48 -15.68 -11.29
CA VAL A 57 7.11 -14.38 -11.80
C VAL A 57 6.86 -13.41 -10.64
N PHE A 58 6.07 -13.84 -9.67
CA PHE A 58 5.79 -12.97 -8.53
C PHE A 58 7.11 -12.61 -7.85
N ASN A 59 7.92 -13.63 -7.63
CA ASN A 59 9.20 -13.46 -6.99
C ASN A 59 10.18 -12.58 -7.76
N PHE A 60 10.23 -12.70 -9.08
CA PHE A 60 11.16 -11.90 -9.87
C PHE A 60 10.98 -10.41 -9.68
N PHE A 61 9.73 -9.98 -9.82
CA PHE A 61 9.41 -8.56 -9.70
C PHE A 61 9.45 -8.11 -8.25
N ASP A 62 9.01 -8.97 -7.35
CA ASP A 62 9.04 -8.60 -5.94
C ASP A 62 10.48 -8.23 -5.60
N ASN A 63 11.42 -8.99 -6.17
CA ASN A 63 12.85 -8.76 -5.95
C ASN A 63 13.38 -7.45 -6.53
N LEU A 64 12.55 -6.72 -7.25
CA LEU A 64 12.95 -5.43 -7.82
C LEU A 64 12.65 -4.35 -6.79
N LEU A 65 11.82 -4.71 -5.81
CA LEU A 65 11.39 -3.76 -4.78
C LEU A 65 12.20 -3.73 -3.49
N PRO A 66 12.21 -2.57 -2.82
CA PRO A 66 12.94 -2.46 -1.56
C PRO A 66 12.52 -3.60 -0.65
N ASP A 67 13.49 -4.19 0.04
CA ASP A 67 13.26 -5.31 0.93
C ASP A 67 12.37 -5.00 2.14
N SER A 68 12.66 -3.89 2.82
CA SER A 68 11.90 -3.51 4.01
C SER A 68 10.39 -3.39 3.85
N PRO A 69 9.63 -3.94 4.80
CA PRO A 69 8.17 -3.85 4.71
C PRO A 69 7.75 -2.41 5.05
N ILE A 70 8.61 -1.71 5.80
CA ILE A 70 8.34 -0.33 6.21
C ILE A 70 8.48 0.65 5.05
N VAL A 71 9.49 0.42 4.21
CA VAL A 71 9.69 1.27 3.05
C VAL A 71 8.52 1.06 2.10
N ARG A 72 8.06 -0.18 1.99
CA ARG A 72 6.95 -0.46 1.11
C ARG A 72 5.74 0.29 1.65
N ASP A 73 5.67 0.42 2.98
CA ASP A 73 4.58 1.15 3.62
C ASP A 73 4.66 2.59 3.16
N ARG A 74 5.86 3.16 3.24
CA ARG A 74 6.08 4.52 2.81
C ARG A 74 5.67 4.73 1.36
N ILE A 75 5.90 3.71 0.54
CA ILE A 75 5.56 3.80 -0.88
C ILE A 75 4.05 3.77 -1.08
N VAL A 76 3.38 2.78 -0.48
CA VAL A 76 1.93 2.65 -0.62
C VAL A 76 1.19 3.94 -0.27
N LYS A 77 1.74 4.73 0.64
CA LYS A 77 1.12 5.98 1.06
C LYS A 77 1.60 7.17 0.21
N ARG A 78 2.79 7.03 -0.38
CA ARG A 78 3.33 8.10 -1.20
C ARG A 78 2.55 8.20 -2.52
N TYR A 79 2.12 7.05 -3.06
CA TYR A 79 1.38 7.04 -4.32
C TYR A 79 0.01 6.35 -4.26
N HIS A 80 -0.52 6.16 -3.06
CA HIS A 80 -1.81 5.50 -2.90
C HIS A 80 -1.91 4.25 -3.79
N ALA A 81 -1.02 3.30 -3.55
CA ALA A 81 -1.01 2.07 -4.34
C ALA A 81 -2.24 1.22 -4.03
N LYS A 82 -2.82 0.64 -5.08
CA LYS A 82 -4.00 -0.20 -4.93
C LYS A 82 -3.81 -1.29 -3.86
N SER A 83 -2.55 -1.58 -3.52
CA SER A 83 -2.22 -2.58 -2.51
C SER A 83 -0.71 -2.60 -2.24
N ARG A 84 -0.29 -3.55 -1.41
CA ARG A 84 1.13 -3.69 -1.08
C ARG A 84 1.80 -4.71 -2.00
N GLN A 85 1.01 -5.33 -2.87
CA GLN A 85 1.53 -6.33 -3.79
C GLN A 85 2.43 -5.69 -4.85
N PRO A 86 3.50 -6.40 -5.24
CA PRO A 86 4.46 -5.91 -6.24
C PRO A 86 3.88 -5.20 -7.46
N PHE A 87 2.93 -5.83 -8.14
CA PHE A 87 2.30 -5.24 -9.33
C PHE A 87 1.92 -3.79 -9.07
N ASP A 88 1.10 -3.59 -8.04
CA ASP A 88 0.61 -2.27 -7.64
C ASP A 88 1.70 -1.29 -7.18
N LEU A 89 2.75 -1.78 -6.54
CA LEU A 89 3.81 -0.89 -6.10
C LEU A 89 4.64 -0.56 -7.33
N LEU A 90 4.87 -1.57 -8.18
CA LEU A 90 5.64 -1.38 -9.39
C LEU A 90 4.95 -0.46 -10.39
N SER A 91 3.61 -0.44 -10.39
CA SER A 91 2.87 0.43 -11.31
C SER A 91 3.24 1.88 -10.98
N GLU A 92 3.59 2.12 -9.73
CA GLU A 92 3.94 3.46 -9.25
C GLU A 92 5.40 3.80 -9.38
N ILE A 93 6.27 2.86 -9.05
CA ILE A 93 7.70 3.14 -9.11
C ILE A 93 8.51 2.27 -10.06
N GLY A 94 7.82 1.52 -10.91
CA GLY A 94 8.51 0.63 -11.82
C GLY A 94 9.12 1.17 -13.12
N ARG A 95 9.34 2.48 -13.23
CA ARG A 95 9.94 2.98 -14.46
C ARG A 95 11.44 2.74 -14.49
N ASP A 96 12.07 2.90 -13.33
CA ASP A 96 13.51 2.72 -13.23
C ASP A 96 13.89 1.78 -12.10
N SER A 97 14.45 0.63 -12.45
CA SER A 97 14.86 -0.37 -11.47
C SER A 97 16.20 -1.01 -11.83
N VAL A 98 16.74 -1.81 -10.92
CA VAL A 98 18.01 -2.48 -11.17
C VAL A 98 17.92 -3.36 -12.42
N GLY A 99 18.94 -3.27 -13.27
CA GLY A 99 18.94 -4.03 -14.50
C GLY A 99 18.28 -3.20 -15.60
N ALA A 100 17.73 -3.85 -16.61
CA ALA A 100 17.11 -3.11 -17.71
C ALA A 100 15.63 -3.43 -17.88
N VAL A 101 14.88 -3.32 -16.81
CA VAL A 101 13.45 -3.58 -16.85
C VAL A 101 12.67 -2.30 -16.55
N THR A 102 11.85 -1.89 -17.50
CA THR A 102 11.05 -0.69 -17.37
C THR A 102 9.57 -1.07 -17.48
N LEU A 103 8.82 -0.84 -16.42
CA LEU A 103 7.40 -1.17 -16.39
C LEU A 103 6.53 0.09 -16.39
N ILE A 104 5.64 0.18 -17.37
CA ILE A 104 4.74 1.33 -17.47
C ILE A 104 3.39 0.90 -18.03
N PRO A 105 2.30 1.38 -17.41
CA PRO A 105 0.95 1.03 -17.87
C PRO A 105 0.49 1.85 -19.07
N ILE A 114 13.18 9.92 -24.50
CA ILE A 114 13.86 8.98 -23.62
C ILE A 114 14.94 9.66 -22.77
N MET A 115 15.17 10.95 -23.00
CA MET A 115 16.16 11.71 -22.25
C MET A 115 15.59 13.08 -21.85
N ALA A 116 15.21 13.20 -20.57
CA ALA A 116 14.66 14.41 -20.00
C ALA A 116 14.92 14.36 -18.50
N TRP A 117 15.11 15.53 -17.88
CA TRP A 117 15.41 15.59 -16.46
C TRP A 117 15.35 17.02 -15.91
N GLU A 118 15.72 17.16 -14.65
CA GLU A 118 15.76 18.45 -13.98
C GLU A 118 17.00 18.52 -13.07
N LYS A 119 17.81 19.55 -13.25
CA LYS A 119 19.00 19.73 -12.44
C LYS A 119 18.62 20.14 -11.02
N LEU A 120 19.38 19.66 -10.04
CA LEU A 120 19.11 19.94 -8.63
C LEU A 120 20.07 20.95 -8.02
N THR A 121 19.52 21.87 -7.24
CA THR A 121 20.32 22.89 -6.57
C THR A 121 20.76 22.24 -5.25
N GLU A 122 21.83 22.76 -4.66
CA GLU A 122 22.33 22.20 -3.41
C GLU A 122 21.26 22.26 -2.32
N ALA A 123 20.16 22.94 -2.61
CA ALA A 123 19.07 23.07 -1.66
C ALA A 123 18.05 21.95 -1.87
N ARG A 124 17.78 21.65 -3.14
CA ARG A 124 16.83 20.58 -3.47
C ARG A 124 17.50 19.22 -3.30
N LEU A 125 18.78 19.15 -3.64
CA LEU A 125 19.53 17.91 -3.49
C LEU A 125 19.47 17.47 -2.03
N GLU A 126 19.72 18.42 -1.14
CA GLU A 126 19.70 18.13 0.29
C GLU A 126 18.33 17.58 0.67
N GLU A 127 17.27 18.17 0.12
CA GLU A 127 15.91 17.72 0.39
C GLU A 127 15.81 16.23 0.06
N VAL A 128 16.01 15.89 -1.21
CA VAL A 128 15.97 14.49 -1.65
C VAL A 128 16.72 13.60 -0.67
N LEU A 129 17.98 13.93 -0.43
CA LEU A 129 18.82 13.15 0.48
C LEU A 129 18.39 13.10 1.94
N THR A 130 17.34 13.84 2.30
CA THR A 130 16.85 13.83 3.67
C THR A 130 15.34 13.63 3.71
N ALA A 131 14.79 13.22 2.57
CA ALA A 131 13.35 12.98 2.45
C ALA A 131 12.84 11.90 3.38
N TYR A 132 13.59 10.82 3.53
CA TYR A 132 13.17 9.71 4.38
C TYR A 132 12.76 10.20 5.76
N LYS A 133 13.38 11.28 6.21
CA LYS A 133 13.06 11.85 7.51
C LYS A 133 11.56 12.01 7.67
N ALA A 134 10.85 12.27 6.57
CA ALA A 134 9.41 12.45 6.60
C ALA A 134 8.69 11.28 5.97
N ASP A 135 9.18 10.07 6.26
CA ASP A 135 8.58 8.84 5.71
C ASP A 135 8.48 8.80 4.19
N ILE A 136 9.38 9.50 3.50
CA ILE A 136 9.35 9.46 2.04
C ILE A 136 10.18 8.28 1.58
N PRO A 137 9.60 7.45 0.69
CA PRO A 137 10.30 6.27 0.17
C PRO A 137 11.31 6.65 -0.90
N LEU A 138 12.44 5.96 -0.93
CA LEU A 138 13.47 6.20 -1.93
C LEU A 138 13.60 7.67 -2.31
N GLY A 139 13.67 8.53 -1.30
CA GLY A 139 13.79 9.96 -1.53
C GLY A 139 12.97 10.54 -2.67
N MET A 140 11.75 10.05 -2.87
CA MET A 140 10.87 10.55 -3.92
C MET A 140 9.95 11.61 -3.33
N ILE A 141 10.53 12.77 -3.03
CA ILE A 141 9.82 13.92 -2.46
C ILE A 141 8.50 14.24 -3.17
N ARG A 142 7.52 14.70 -2.40
CA ARG A 142 6.20 15.06 -2.92
C ARG A 142 6.22 16.15 -3.98
N GLU A 143 7.15 17.09 -3.86
CA GLU A 143 7.25 18.20 -4.81
C GLU A 143 7.20 17.69 -6.26
N GLU A 144 7.82 16.54 -6.50
CA GLU A 144 7.86 15.97 -7.85
C GLU A 144 6.79 14.88 -7.97
N ASN A 145 6.53 14.44 -9.20
CA ASN A 145 5.54 13.39 -9.45
C ASN A 145 5.91 12.57 -10.68
N ASP A 146 7.10 12.84 -11.23
CA ASP A 146 7.57 12.12 -12.40
C ASP A 146 8.97 11.56 -12.09
N PHE A 147 9.12 11.10 -10.86
CA PHE A 147 10.38 10.54 -10.37
C PHE A 147 10.05 9.17 -9.76
N ARG A 148 9.88 8.16 -10.61
CA ARG A 148 9.56 6.82 -10.13
C ARG A 148 10.72 5.85 -10.27
N ILE A 149 11.36 5.52 -9.16
CA ILE A 149 12.50 4.59 -9.16
C ILE A 149 12.31 3.49 -8.12
N SER A 150 13.09 2.43 -8.23
CA SER A 150 13.01 1.32 -7.30
C SER A 150 14.38 0.65 -7.18
N VAL A 151 14.81 0.42 -5.94
CA VAL A 151 16.09 -0.26 -5.70
C VAL A 151 15.88 -1.23 -4.54
N ALA A 152 16.54 -2.38 -4.61
CA ALA A 152 16.42 -3.37 -3.55
C ALA A 152 17.37 -3.08 -2.41
N GLY A 153 17.48 -4.03 -1.49
CA GLY A 153 18.35 -3.84 -0.35
C GLY A 153 17.50 -3.29 0.77
N ALA A 154 18.01 -3.34 1.99
CA ALA A 154 17.26 -2.84 3.13
C ALA A 154 17.79 -1.50 3.60
N GLN A 155 19.02 -1.19 3.19
CA GLN A 155 19.64 0.08 3.57
C GLN A 155 18.95 1.26 2.89
N GLU A 156 18.68 2.31 3.68
CA GLU A 156 18.03 3.50 3.15
C GLU A 156 18.87 4.06 2.01
N LYS A 157 18.23 4.37 0.88
CA LYS A 157 18.93 4.88 -0.29
C LYS A 157 18.03 5.64 -1.26
N THR A 158 18.59 5.96 -2.42
CA THR A 158 17.88 6.67 -3.48
C THR A 158 18.71 6.52 -4.75
N ALA A 159 18.19 6.99 -5.88
CA ALA A 159 18.93 6.88 -7.14
C ALA A 159 18.82 8.17 -7.93
N LEU A 160 19.91 8.61 -8.54
CA LEU A 160 19.91 9.85 -9.30
C LEU A 160 20.70 9.81 -10.60
N LEU A 161 20.49 10.82 -11.43
CA LEU A 161 21.21 10.92 -12.71
C LEU A 161 22.26 12.01 -12.61
N ARG A 162 23.50 11.67 -12.95
CA ARG A 162 24.56 12.64 -12.92
C ARG A 162 25.03 12.95 -14.33
N ILE A 163 24.60 14.11 -14.85
CA ILE A 163 24.98 14.55 -16.18
C ILE A 163 26.07 15.60 -16.02
N GLY A 164 27.30 15.19 -16.28
CA GLY A 164 28.40 16.11 -16.12
C GLY A 164 28.73 16.12 -14.64
N ASN A 165 28.84 17.30 -14.06
CA ASN A 165 29.13 17.38 -12.63
C ASN A 165 27.89 17.79 -11.84
N ASP A 166 26.72 17.68 -12.47
CA ASP A 166 25.45 18.03 -11.81
C ASP A 166 24.63 16.80 -11.45
N TRP A 167 23.90 16.87 -10.34
CA TRP A 167 23.04 15.78 -9.93
C TRP A 167 21.65 16.13 -10.43
N CYS A 168 20.94 15.17 -11.00
CA CYS A 168 19.62 15.46 -11.54
C CYS A 168 18.55 14.42 -11.24
N ILE A 169 17.31 14.86 -11.31
CA ILE A 169 16.19 13.98 -11.10
C ILE A 169 15.73 13.58 -12.49
N PRO A 170 15.90 12.30 -12.85
CA PRO A 170 15.50 11.79 -14.17
C PRO A 170 13.99 11.80 -14.36
N LYS A 171 13.56 12.17 -15.56
CA LYS A 171 12.14 12.24 -15.88
C LYS A 171 11.66 11.12 -16.80
N GLY A 172 10.38 10.76 -16.66
CA GLY A 172 9.79 9.72 -17.48
C GLY A 172 10.45 8.38 -17.34
N ILE A 173 11.01 7.87 -18.44
CA ILE A 173 11.69 6.59 -18.46
C ILE A 173 13.20 6.75 -18.56
N THR A 174 13.69 7.97 -18.37
CA THR A 174 15.13 8.23 -18.41
C THR A 174 15.74 7.54 -17.19
N PRO A 175 16.92 6.93 -17.38
CA PRO A 175 17.63 6.20 -16.31
C PRO A 175 18.51 7.01 -15.36
N THR A 176 18.79 6.39 -14.21
CA THR A 176 19.66 6.96 -13.18
C THR A 176 21.04 6.35 -13.40
N THR A 177 22.06 6.91 -12.75
CA THR A 177 23.41 6.40 -12.94
C THR A 177 24.15 6.07 -11.64
N HIS A 178 23.56 6.43 -10.51
CA HIS A 178 24.18 6.15 -9.22
C HIS A 178 23.16 5.78 -8.16
N ILE A 179 23.54 4.86 -7.28
CA ILE A 179 22.68 4.48 -6.17
C ILE A 179 23.30 5.33 -5.07
N ILE A 180 22.45 6.00 -4.29
CA ILE A 180 22.91 6.85 -3.20
C ILE A 180 22.48 6.26 -1.85
N LYS A 181 23.43 6.05 -0.96
CA LYS A 181 23.08 5.51 0.35
C LYS A 181 23.20 6.58 1.43
N LEU A 182 22.14 6.76 2.20
CA LEU A 182 22.11 7.77 3.26
C LEU A 182 22.46 7.15 4.60
N PRO A 183 22.65 7.99 5.63
CA PRO A 183 22.99 7.53 6.99
C PRO A 183 21.72 7.01 7.68
N ILE A 184 21.62 5.69 7.86
CA ILE A 184 20.45 5.10 8.49
C ILE A 184 20.28 5.66 9.90
N GLN A 198 27.32 4.75 10.80
CA GLN A 198 28.60 5.08 10.19
C GLN A 198 28.82 4.24 8.91
N SER A 199 27.70 3.74 8.38
CA SER A 199 27.67 2.90 7.19
C SER A 199 28.28 3.54 5.94
N VAL A 200 28.15 4.86 5.81
CA VAL A 200 28.69 5.57 4.65
C VAL A 200 30.21 5.48 4.53
N ASP A 201 30.92 5.83 5.61
CA ASP A 201 32.37 5.80 5.60
C ASP A 201 32.88 4.37 5.47
N ASN A 202 32.22 3.46 6.17
CA ASN A 202 32.60 2.06 6.15
C ASN A 202 32.68 1.49 4.73
N GLU A 203 31.55 1.49 4.04
CA GLU A 203 31.49 0.97 2.68
C GLU A 203 32.53 1.64 1.78
N TYR A 204 32.59 2.97 1.82
CA TYR A 204 33.53 3.72 1.00
C TYR A 204 34.92 3.12 1.17
N TYR A 205 35.27 2.82 2.42
CA TYR A 205 36.57 2.26 2.74
C TYR A 205 36.77 0.87 2.16
N CYS A 206 35.76 0.02 2.28
CA CYS A 206 35.88 -1.35 1.77
C CYS A 206 35.96 -1.38 0.25
N LEU A 207 35.24 -0.49 -0.41
CA LEU A 207 35.29 -0.41 -1.85
C LEU A 207 36.73 -0.06 -2.27
N LEU A 208 37.27 1.03 -1.74
CA LEU A 208 38.64 1.42 -2.09
C LEU A 208 39.61 0.29 -1.77
N LEU A 209 39.34 -0.46 -0.71
CA LEU A 209 40.22 -1.58 -0.36
C LEU A 209 40.02 -2.74 -1.33
N ALA A 210 38.78 -2.92 -1.78
CA ALA A 210 38.48 -4.00 -2.71
C ALA A 210 39.20 -3.75 -4.04
N LYS A 211 39.17 -2.50 -4.48
CA LYS A 211 39.80 -2.09 -5.73
C LYS A 211 41.32 -2.12 -5.66
N GLU A 212 41.86 -1.69 -4.53
CA GLU A 212 43.30 -1.68 -4.31
C GLU A 212 43.89 -3.09 -4.44
N LEU A 213 43.08 -4.10 -4.15
CA LEU A 213 43.53 -5.49 -4.24
C LEU A 213 43.20 -6.12 -5.60
N GLY A 214 42.70 -5.30 -6.52
CA GLY A 214 42.38 -5.77 -7.85
C GLY A 214 41.06 -6.51 -7.99
N LEU A 215 40.11 -6.23 -7.10
CA LEU A 215 38.82 -6.88 -7.19
C LEU A 215 37.90 -6.03 -8.06
N ASN A 216 36.97 -6.67 -8.76
CA ASN A 216 36.05 -5.96 -9.62
C ASN A 216 34.86 -5.38 -8.84
N VAL A 217 34.92 -4.08 -8.54
CA VAL A 217 33.86 -3.39 -7.80
C VAL A 217 33.60 -2.02 -8.39
N PRO A 218 32.40 -1.48 -8.16
CA PRO A 218 32.05 -0.16 -8.70
C PRO A 218 32.83 0.97 -8.02
N ASP A 219 32.85 2.13 -8.66
CA ASP A 219 33.52 3.28 -8.09
C ASP A 219 32.48 4.06 -7.30
N ALA A 220 32.87 4.56 -6.14
CA ALA A 220 31.97 5.34 -5.29
C ALA A 220 32.63 6.65 -4.87
N GLU A 221 31.82 7.64 -4.52
CA GLU A 221 32.35 8.93 -4.08
C GLU A 221 31.42 9.52 -3.03
N ILE A 222 31.99 9.97 -1.92
CA ILE A 222 31.17 10.56 -0.86
C ILE A 222 30.71 11.93 -1.32
N ILE A 223 29.40 12.17 -1.20
CA ILE A 223 28.84 13.43 -1.61
C ILE A 223 28.33 14.21 -0.41
N LYS A 224 28.61 15.51 -0.40
CA LYS A 224 28.18 16.37 0.69
C LYS A 224 27.23 17.47 0.23
N ALA A 225 26.03 17.45 0.78
CA ALA A 225 25.01 18.44 0.47
C ALA A 225 24.59 19.00 1.83
N GLY A 226 25.17 20.13 2.20
CA GLY A 226 24.85 20.74 3.49
C GLY A 226 25.47 19.95 4.62
N ASN A 227 24.60 19.37 5.46
CA ASN A 227 25.07 18.59 6.60
C ASN A 227 24.75 17.12 6.39
N VAL A 228 24.76 16.70 5.13
CA VAL A 228 24.46 15.32 4.77
C VAL A 228 25.63 14.62 4.08
N ARG A 229 25.94 13.42 4.55
CA ARG A 229 27.00 12.62 3.96
C ARG A 229 26.34 11.36 3.39
N ALA A 230 26.43 11.21 2.09
CA ALA A 230 25.84 10.06 1.41
C ALA A 230 26.86 9.37 0.50
N LEU A 231 26.59 8.12 0.14
CA LEU A 231 27.49 7.39 -0.71
C LEU A 231 26.89 7.29 -2.11
N ALA A 232 27.61 7.79 -3.10
CA ALA A 232 27.16 7.75 -4.46
C ALA A 232 27.94 6.65 -5.17
N VAL A 233 27.28 5.52 -5.44
CA VAL A 233 27.94 4.41 -6.11
C VAL A 233 27.58 4.40 -7.60
N GLU A 234 28.61 4.30 -8.44
CA GLU A 234 28.37 4.26 -9.88
C GLU A 234 27.72 2.93 -10.22
N ARG A 235 26.67 2.97 -11.02
CA ARG A 235 25.93 1.78 -11.41
C ARG A 235 26.57 1.05 -12.58
N PHE A 236 26.65 -0.27 -12.48
CA PHE A 236 27.21 -1.04 -13.57
C PHE A 236 26.12 -1.66 -14.42
N ASP A 237 24.88 -1.20 -14.22
CA ASP A 237 23.75 -1.69 -15.00
C ASP A 237 23.27 -0.53 -15.87
N ARG A 238 24.14 0.43 -16.05
CA ARG A 238 23.88 1.60 -16.86
C ARG A 238 25.13 1.86 -17.69
N ARG A 239 24.95 2.24 -18.95
CA ARG A 239 26.11 2.52 -19.77
C ARG A 239 25.76 3.61 -20.76
N TRP A 240 26.68 4.56 -20.93
CA TRP A 240 26.51 5.64 -21.89
C TRP A 240 27.06 5.14 -23.20
N ASN A 241 26.61 5.69 -24.32
CA ASN A 241 27.20 5.26 -25.57
C ASN A 241 28.58 5.94 -25.64
N ALA A 242 29.40 5.55 -26.60
CA ALA A 242 30.73 6.11 -26.76
C ALA A 242 30.76 7.64 -26.70
N ARG A 243 29.86 8.27 -27.44
CA ARG A 243 29.82 9.74 -27.51
C ARG A 243 29.09 10.42 -26.35
N ARG A 244 28.61 9.65 -25.39
CA ARG A 244 27.94 10.20 -24.23
C ARG A 244 26.65 10.96 -24.52
N THR A 245 25.85 10.45 -25.44
CA THR A 245 24.59 11.11 -25.77
C THR A 245 23.37 10.28 -25.38
N VAL A 246 23.55 8.96 -25.28
CA VAL A 246 22.45 8.10 -24.89
C VAL A 246 22.84 7.17 -23.74
N LEU A 247 22.01 7.17 -22.70
CA LEU A 247 22.23 6.35 -21.51
C LEU A 247 21.35 5.11 -21.58
N LEU A 248 21.98 3.94 -21.63
CA LEU A 248 21.25 2.68 -21.69
C LEU A 248 21.33 1.83 -20.43
N ARG A 249 20.31 1.00 -20.22
CA ARG A 249 20.23 0.11 -19.07
C ARG A 249 20.74 -1.27 -19.47
N LEU A 250 21.49 -1.94 -18.60
CA LEU A 250 22.02 -3.26 -18.90
C LEU A 250 21.31 -4.37 -18.10
N PRO A 251 20.69 -5.32 -18.81
CA PRO A 251 19.97 -6.43 -18.17
C PRO A 251 20.85 -7.07 -17.10
N GLN A 252 20.25 -7.35 -15.97
CA GLN A 252 20.98 -7.90 -14.84
C GLN A 252 20.01 -8.42 -13.77
N GLU A 253 20.40 -9.47 -13.05
CA GLU A 253 19.56 -9.96 -11.98
C GLU A 253 20.42 -10.54 -10.85
N ASP A 254 19.90 -10.49 -9.62
CA ASP A 254 20.61 -11.05 -8.47
C ASP A 254 20.32 -12.56 -8.36
N MET A 255 21.10 -13.28 -7.54
CA MET A 255 20.93 -14.72 -7.41
C MET A 255 19.54 -15.21 -7.03
N CYS A 256 18.83 -14.47 -6.20
CA CYS A 256 17.49 -14.91 -5.83
C CYS A 256 16.63 -15.00 -7.07
N GLN A 257 16.62 -13.94 -7.87
CA GLN A 257 15.84 -13.94 -9.10
C GLN A 257 16.28 -15.06 -10.01
N THR A 258 17.59 -15.21 -10.19
CA THR A 258 18.12 -16.23 -11.05
C THR A 258 17.69 -17.64 -10.64
N PHE A 259 17.44 -17.85 -9.34
CA PHE A 259 16.97 -19.15 -8.87
C PHE A 259 15.46 -19.20 -8.66
N GLY A 260 14.76 -18.12 -9.00
CA GLY A 260 13.32 -18.07 -8.85
C GLY A 260 12.84 -18.06 -7.40
N LEU A 261 13.74 -17.65 -6.51
CA LEU A 261 13.45 -17.62 -5.09
C LEU A 261 13.02 -16.26 -4.57
N PRO A 262 12.29 -16.25 -3.45
CA PRO A 262 11.80 -15.02 -2.80
C PRO A 262 12.94 -14.37 -2.01
N SER A 263 12.93 -13.05 -1.89
CA SER A 263 13.99 -12.37 -1.13
C SER A 263 14.02 -12.88 0.32
N SER A 264 12.87 -13.30 0.82
CA SER A 264 12.78 -13.78 2.19
C SER A 264 13.78 -14.89 2.49
N VAL A 265 14.23 -15.60 1.46
CA VAL A 265 15.20 -16.68 1.68
C VAL A 265 16.59 -16.40 1.07
N LYS A 266 16.99 -15.13 1.07
CA LYS A 266 18.28 -14.75 0.51
C LYS A 266 19.47 -15.35 1.25
N TYR A 267 19.37 -15.48 2.58
CA TYR A 267 20.44 -16.08 3.38
C TYR A 267 20.41 -17.60 3.29
N GLU A 268 21.58 -18.20 3.15
CA GLU A 268 21.69 -19.64 3.07
C GLU A 268 20.95 -20.31 4.23
N SER A 269 21.05 -19.71 5.42
CA SER A 269 20.40 -20.29 6.60
C SER A 269 18.89 -20.31 6.48
N ASP A 270 18.36 -19.52 5.55
CA ASP A 270 16.91 -19.45 5.34
C ASP A 270 16.47 -20.23 4.10
N GLY A 271 17.37 -21.03 3.53
CA GLY A 271 17.04 -21.79 2.34
C GLY A 271 17.63 -21.22 1.05
N GLY A 272 18.34 -20.10 1.17
CA GLY A 272 18.93 -19.49 -0.02
C GLY A 272 20.15 -20.24 -0.51
N PRO A 273 20.69 -19.86 -1.67
CA PRO A 273 21.87 -20.52 -2.23
C PRO A 273 23.20 -20.23 -1.53
N GLY A 274 24.02 -21.26 -1.41
CA GLY A 274 25.32 -21.12 -0.78
C GLY A 274 26.42 -21.09 -1.83
N ILE A 275 27.67 -21.21 -1.41
CA ILE A 275 28.80 -21.19 -2.33
C ILE A 275 28.72 -22.28 -3.41
N ALA A 276 28.39 -23.49 -3.00
CA ALA A 276 28.31 -24.60 -3.93
C ALA A 276 27.31 -24.39 -5.04
N ARG A 277 26.11 -23.94 -4.70
CA ARG A 277 25.11 -23.76 -5.74
C ARG A 277 25.52 -22.66 -6.72
N ILE A 278 26.07 -21.56 -6.21
CA ILE A 278 26.51 -20.46 -7.08
C ILE A 278 27.65 -20.94 -7.99
N MET A 279 28.60 -21.65 -7.41
CA MET A 279 29.73 -22.16 -8.19
C MET A 279 29.26 -23.09 -9.31
N ALA A 280 28.27 -23.94 -9.02
CA ALA A 280 27.76 -24.85 -10.03
C ALA A 280 27.10 -23.99 -11.10
N PHE A 281 26.31 -23.04 -10.64
CA PHE A 281 25.65 -22.11 -11.54
C PHE A 281 26.65 -21.44 -12.47
N LEU A 282 27.74 -20.94 -11.88
CA LEU A 282 28.76 -20.23 -12.64
C LEU A 282 29.42 -21.07 -13.72
N MET A 283 29.19 -22.38 -13.72
CA MET A 283 29.77 -23.21 -14.76
C MET A 283 29.12 -22.87 -16.09
N GLY A 284 27.90 -22.32 -16.03
CA GLY A 284 27.18 -21.94 -17.25
C GLY A 284 27.46 -20.50 -17.66
N SER A 285 28.43 -19.88 -17.00
CA SER A 285 28.77 -18.51 -17.32
C SER A 285 29.57 -18.46 -18.63
N SER A 286 29.38 -17.41 -19.43
CA SER A 286 30.12 -17.28 -20.67
C SER A 286 31.55 -16.98 -20.31
N GLU A 287 31.79 -16.84 -19.01
CA GLU A 287 33.11 -16.54 -18.46
C GLU A 287 33.23 -17.38 -17.20
N ALA A 288 33.01 -18.67 -17.35
CA ALA A 288 33.03 -19.62 -16.23
C ALA A 288 34.29 -19.69 -15.38
N LEU A 289 35.43 -19.99 -15.99
CA LEU A 289 36.65 -20.10 -15.22
C LEU A 289 36.98 -18.83 -14.44
N LYS A 290 36.94 -17.69 -15.12
CA LYS A 290 37.24 -16.44 -14.46
C LYS A 290 36.22 -16.08 -13.40
N ASP A 291 34.93 -16.25 -13.70
CA ASP A 291 33.89 -15.94 -12.73
C ASP A 291 34.02 -16.82 -11.50
N ARG A 292 34.32 -18.11 -11.70
CA ARG A 292 34.47 -19.03 -10.58
C ARG A 292 35.68 -18.62 -9.76
N TYR A 293 36.71 -18.14 -10.45
CA TYR A 293 37.92 -17.68 -9.80
C TYR A 293 37.64 -16.45 -8.93
N ASP A 294 37.02 -15.44 -9.54
CA ASP A 294 36.70 -14.18 -8.86
C ASP A 294 35.73 -14.34 -7.69
N PHE A 295 34.83 -15.31 -7.78
CA PHE A 295 33.86 -15.55 -6.72
C PHE A 295 34.51 -16.16 -5.49
N MET A 296 35.47 -17.06 -5.69
CA MET A 296 36.16 -17.67 -4.57
C MET A 296 37.06 -16.61 -3.94
N LYS A 297 37.71 -15.81 -4.78
CA LYS A 297 38.60 -14.74 -4.35
C LYS A 297 37.82 -13.74 -3.49
N PHE A 298 36.54 -13.60 -3.79
CA PHE A 298 35.70 -12.67 -3.06
C PHE A 298 35.32 -13.22 -1.69
N GLN A 299 35.25 -14.53 -1.57
CA GLN A 299 34.89 -15.18 -0.32
C GLN A 299 36.00 -14.91 0.67
N VAL A 300 37.24 -15.06 0.20
CA VAL A 300 38.42 -14.82 1.04
C VAL A 300 38.46 -13.35 1.48
N PHE A 301 38.02 -12.46 0.59
CA PHE A 301 38.01 -11.04 0.88
C PHE A 301 36.98 -10.74 1.96
N GLN A 302 35.76 -11.23 1.76
CA GLN A 302 34.70 -11.00 2.72
C GLN A 302 35.15 -11.47 4.07
N TRP A 303 35.82 -12.62 4.11
CA TRP A 303 36.32 -13.15 5.36
C TRP A 303 37.33 -12.20 6.00
N LEU A 304 38.30 -11.74 5.21
CA LEU A 304 39.31 -10.83 5.73
C LEU A 304 38.73 -9.54 6.32
N ILE A 305 37.76 -8.94 5.66
CA ILE A 305 37.23 -7.70 6.20
C ILE A 305 35.98 -7.85 7.07
N GLY A 306 35.66 -9.07 7.46
CA GLY A 306 34.53 -9.28 8.33
C GLY A 306 33.17 -8.94 7.73
N ALA A 307 32.99 -9.25 6.45
CA ALA A 307 31.71 -9.00 5.79
C ALA A 307 30.84 -10.20 6.16
N THR A 308 29.69 -9.95 6.76
CA THR A 308 28.79 -11.02 7.18
C THR A 308 27.51 -11.07 6.35
N GLN A 309 27.32 -10.09 5.47
CA GLN A 309 26.11 -10.01 4.64
C GLN A 309 26.26 -10.37 3.15
N GLY A 310 27.07 -11.38 2.84
CA GLY A 310 27.20 -11.77 1.45
C GLY A 310 26.17 -12.82 1.06
N HIS A 311 24.90 -12.49 1.20
CA HIS A 311 23.80 -13.40 0.86
C HIS A 311 23.54 -13.36 -0.64
N ALA A 312 22.46 -14.03 -1.07
CA ALA A 312 22.12 -14.12 -2.48
C ALA A 312 21.79 -12.86 -3.28
N LYS A 313 21.22 -11.83 -2.66
CA LYS A 313 20.90 -10.63 -3.43
C LYS A 313 22.13 -9.76 -3.60
N ASN A 314 23.23 -10.17 -2.99
CA ASN A 314 24.46 -9.41 -3.10
C ASN A 314 25.43 -9.91 -4.14
N PHE A 315 24.92 -10.75 -5.04
CA PHE A 315 25.70 -11.26 -6.17
C PHE A 315 24.74 -11.23 -7.34
N SER A 316 25.19 -10.70 -8.48
CA SER A 316 24.34 -10.64 -9.66
C SER A 316 25.07 -11.07 -10.92
N VAL A 317 24.32 -11.17 -12.01
CA VAL A 317 24.89 -11.56 -13.29
C VAL A 317 24.26 -10.73 -14.39
N PHE A 318 25.02 -10.51 -15.45
CA PHE A 318 24.50 -9.78 -16.60
C PHE A 318 23.84 -10.80 -17.52
N ILE A 319 22.67 -10.46 -18.04
CA ILE A 319 21.99 -11.35 -18.97
C ILE A 319 22.31 -10.73 -20.32
N GLN A 320 23.23 -11.37 -21.05
CA GLN A 320 23.69 -10.89 -22.35
C GLN A 320 22.83 -11.34 -23.52
N ALA A 321 23.20 -10.89 -24.71
CA ALA A 321 22.48 -11.25 -25.92
C ALA A 321 22.40 -12.76 -26.10
N GLY A 322 21.20 -13.28 -26.31
CA GLY A 322 21.02 -14.71 -26.50
C GLY A 322 20.74 -15.48 -25.23
N GLY A 323 20.79 -14.80 -24.09
CA GLY A 323 20.53 -15.48 -22.83
C GLY A 323 21.78 -15.86 -22.07
N SER A 324 22.94 -15.71 -22.68
CA SER A 324 24.18 -16.03 -21.99
C SER A 324 24.31 -15.10 -20.78
N TYR A 325 25.05 -15.52 -19.77
CA TYR A 325 25.20 -14.69 -18.58
C TYR A 325 26.62 -14.64 -18.10
N ARG A 326 26.90 -13.65 -17.26
CA ARG A 326 28.23 -13.39 -16.72
C ARG A 326 28.10 -12.68 -15.37
N LEU A 327 29.05 -12.92 -14.48
CA LEU A 327 29.06 -12.32 -13.13
C LEU A 327 29.31 -10.81 -13.18
N THR A 328 28.50 -10.02 -12.46
CA THR A 328 28.70 -8.57 -12.45
C THR A 328 29.78 -8.24 -11.41
N PRO A 329 30.16 -6.97 -11.32
CA PRO A 329 31.17 -6.57 -10.34
C PRO A 329 30.56 -6.77 -8.95
N PHE A 330 31.39 -6.97 -7.93
CA PHE A 330 30.88 -7.13 -6.56
C PHE A 330 30.39 -5.79 -5.99
N TYR A 331 29.58 -5.84 -4.93
CA TYR A 331 29.03 -4.62 -4.32
C TYR A 331 28.45 -4.84 -2.92
N ASP A 332 27.86 -3.79 -2.34
CA ASP A 332 27.28 -3.83 -0.99
C ASP A 332 28.29 -4.36 -0.01
N ILE A 333 29.48 -3.78 0.00
CA ILE A 333 30.54 -4.25 0.87
C ILE A 333 30.66 -3.45 2.16
N ILE A 334 30.37 -4.11 3.27
CA ILE A 334 30.43 -3.48 4.57
C ILE A 334 31.19 -4.38 5.55
N SER A 335 32.01 -3.77 6.39
CA SER A 335 32.76 -4.53 7.38
C SER A 335 32.01 -4.48 8.72
N ALA A 336 31.95 -5.63 9.40
CA ALA A 336 31.28 -5.70 10.70
C ALA A 336 32.21 -5.21 11.82
N PHE A 337 33.51 -5.28 11.56
CA PHE A 337 34.55 -4.88 12.51
C PHE A 337 34.36 -3.54 13.23
N PRO A 338 33.99 -2.48 12.49
CA PRO A 338 33.77 -1.15 13.08
C PRO A 338 32.57 -1.10 14.03
N VAL A 339 31.70 -2.10 13.94
CA VAL A 339 30.51 -2.14 14.79
C VAL A 339 30.73 -3.04 16.01
N LEU A 340 31.90 -3.65 16.10
CA LEU A 340 32.19 -4.51 17.23
C LEU A 340 32.31 -3.73 18.53
N GLY A 341 31.98 -4.36 19.64
CA GLY A 341 32.06 -3.70 20.94
C GLY A 341 30.89 -2.80 21.29
N GLY A 342 30.79 -1.66 20.59
CA GLY A 342 29.73 -0.69 20.82
C GLY A 342 28.34 -1.18 21.22
N THR A 343 27.90 -2.30 20.68
CA THR A 343 26.59 -2.83 21.02
C THR A 343 26.66 -4.26 21.51
N GLY A 344 27.78 -4.60 22.15
CA GLY A 344 27.93 -5.95 22.67
C GLY A 344 28.32 -6.98 21.62
N ILE A 345 28.28 -6.60 20.36
CA ILE A 345 28.64 -7.54 19.30
C ILE A 345 30.12 -7.89 19.43
N HIS A 346 30.41 -9.17 19.65
CA HIS A 346 31.78 -9.64 19.80
C HIS A 346 32.27 -10.27 18.50
N ILE A 347 33.58 -10.26 18.28
CA ILE A 347 34.12 -10.84 17.06
C ILE A 347 33.74 -12.32 16.96
N SER A 348 33.42 -12.93 18.09
CA SER A 348 33.02 -14.34 18.10
C SER A 348 31.64 -14.56 17.46
N ASP A 349 30.84 -13.50 17.33
CA ASP A 349 29.52 -13.62 16.74
C ASP A 349 29.44 -13.40 15.22
N LEU A 350 30.55 -13.04 14.59
CA LEU A 350 30.56 -12.77 13.14
C LEU A 350 30.59 -14.02 12.27
N LYS A 351 29.51 -14.27 11.54
CA LYS A 351 29.42 -15.44 10.65
C LYS A 351 29.32 -15.01 9.19
N LEU A 352 30.00 -15.73 8.31
CA LEU A 352 29.93 -15.44 6.88
C LEU A 352 28.50 -15.88 6.53
N ALA A 353 27.87 -15.23 5.57
CA ALA A 353 26.52 -15.59 5.19
C ALA A 353 26.52 -16.97 4.52
N MET A 354 27.61 -17.28 3.81
CA MET A 354 27.74 -18.56 3.12
C MET A 354 28.91 -19.32 3.73
N GLY A 355 28.60 -20.41 4.43
CA GLY A 355 29.65 -21.16 5.07
C GLY A 355 30.58 -21.89 4.13
N LEU A 356 31.71 -22.31 4.68
CA LEU A 356 32.74 -23.04 3.96
C LEU A 356 32.67 -24.50 4.44
N ASN A 357 33.43 -25.40 3.82
CA ASN A 357 33.46 -26.80 4.22
C ASN A 357 34.30 -26.96 5.48
N ALA A 358 33.86 -27.83 6.38
CA ALA A 358 34.57 -28.09 7.61
C ALA A 358 34.76 -29.61 7.69
N SER A 359 35.67 -30.07 8.55
CA SER A 359 35.92 -31.50 8.66
C SER A 359 34.59 -32.21 8.91
N LYS A 360 33.68 -31.51 9.56
CA LYS A 360 32.35 -32.02 9.85
C LYS A 360 31.43 -30.82 9.65
N GLY A 361 30.46 -30.96 8.75
CA GLY A 361 29.53 -29.88 8.48
C GLY A 361 30.15 -28.65 7.83
N LYS A 362 29.81 -27.48 8.36
CA LYS A 362 30.29 -26.21 7.82
C LYS A 362 31.12 -25.38 8.80
N LYS A 363 31.79 -24.36 8.25
CA LYS A 363 32.62 -23.43 9.02
C LYS A 363 32.10 -22.03 8.71
N THR A 364 31.52 -21.37 9.71
CA THR A 364 30.95 -20.04 9.52
C THR A 364 31.54 -18.91 10.37
N ALA A 365 32.13 -19.23 11.53
CA ALA A 365 32.72 -18.19 12.38
C ALA A 365 33.99 -17.60 11.76
N ILE A 366 33.97 -16.30 11.53
CA ILE A 366 35.11 -15.61 10.95
C ILE A 366 36.36 -15.71 11.80
N ASP A 367 36.17 -15.69 13.11
CA ASP A 367 37.29 -15.79 14.03
C ASP A 367 37.92 -17.18 14.07
N LYS A 368 37.22 -18.19 13.55
CA LYS A 368 37.78 -19.55 13.58
C LYS A 368 38.24 -20.05 12.22
N ILE A 369 37.95 -19.29 11.18
CA ILE A 369 38.30 -19.68 9.82
C ILE A 369 39.77 -19.48 9.42
N TYR A 370 40.33 -20.50 8.78
CA TYR A 370 41.71 -20.50 8.30
C TYR A 370 41.81 -20.98 6.84
N PRO A 371 43.01 -20.86 6.24
CA PRO A 371 43.24 -21.28 4.86
C PRO A 371 42.76 -22.70 4.55
N ARG A 372 42.90 -23.60 5.50
CA ARG A 372 42.47 -24.97 5.28
C ARG A 372 40.99 -25.09 4.89
N HIS A 373 40.17 -24.17 5.36
CA HIS A 373 38.75 -24.20 5.06
C HIS A 373 38.44 -23.85 3.61
N PHE A 374 39.18 -22.89 3.07
CA PHE A 374 38.98 -22.51 1.69
C PHE A 374 39.49 -23.63 0.80
N LEU A 375 40.67 -24.16 1.12
CA LEU A 375 41.24 -25.24 0.35
C LEU A 375 40.35 -26.48 0.31
N ALA A 376 39.71 -26.78 1.43
CA ALA A 376 38.83 -27.95 1.50
C ALA A 376 37.55 -27.72 0.69
N THR A 377 37.04 -26.49 0.74
CA THR A 377 35.84 -26.15 0.00
C THR A 377 36.12 -26.24 -1.51
N ALA A 378 37.26 -25.68 -1.92
CA ALA A 378 37.64 -25.69 -3.31
C ALA A 378 37.67 -27.11 -3.87
N LYS A 379 38.22 -28.03 -3.09
CA LYS A 379 38.34 -29.42 -3.49
C LYS A 379 37.00 -30.08 -3.86
N VAL A 380 36.04 -29.99 -2.95
CA VAL A 380 34.73 -30.58 -3.20
C VAL A 380 33.97 -29.87 -4.32
N LEU A 381 34.46 -28.70 -4.74
CA LEU A 381 33.76 -27.97 -5.80
C LEU A 381 34.46 -27.98 -7.14
N ARG A 382 35.49 -28.81 -7.27
CA ARG A 382 36.25 -28.93 -8.50
C ARG A 382 36.79 -27.58 -8.96
N PHE A 383 37.39 -26.85 -8.01
CA PHE A 383 37.99 -25.55 -8.31
C PHE A 383 39.49 -25.83 -8.16
N PRO A 384 40.27 -25.63 -9.23
CA PRO A 384 41.72 -25.89 -9.20
C PRO A 384 42.38 -25.45 -7.90
N GLU A 385 43.01 -26.40 -7.21
CA GLU A 385 43.68 -26.11 -5.95
C GLU A 385 44.86 -25.18 -6.11
N VAL A 386 45.49 -25.22 -7.29
CA VAL A 386 46.62 -24.34 -7.57
C VAL A 386 46.12 -22.90 -7.61
N GLN A 387 44.85 -22.71 -7.97
CA GLN A 387 44.26 -21.36 -8.04
C GLN A 387 43.85 -20.84 -6.67
N MET A 388 43.40 -21.72 -5.78
CA MET A 388 43.04 -21.29 -4.44
C MET A 388 44.28 -20.83 -3.73
N HIS A 389 45.36 -21.60 -3.86
CA HIS A 389 46.63 -21.23 -3.24
C HIS A 389 47.04 -19.85 -3.72
N GLU A 390 46.91 -19.62 -5.03
CA GLU A 390 47.30 -18.34 -5.61
C GLU A 390 46.54 -17.22 -4.92
N ILE A 391 45.22 -17.38 -4.81
CA ILE A 391 44.39 -16.38 -4.17
C ILE A 391 44.89 -16.10 -2.76
N LEU A 392 45.15 -17.18 -2.02
CA LEU A 392 45.61 -17.10 -0.64
C LEU A 392 46.95 -16.38 -0.51
N SER A 393 47.91 -16.76 -1.35
CA SER A 393 49.23 -16.14 -1.31
C SER A 393 49.24 -14.71 -1.81
N ASP A 394 48.38 -14.41 -2.79
CA ASP A 394 48.33 -13.06 -3.32
C ASP A 394 47.84 -12.08 -2.25
N PHE A 395 46.90 -12.52 -1.41
CA PHE A 395 46.38 -11.69 -0.32
C PHE A 395 47.45 -11.60 0.76
N ALA A 396 48.09 -12.73 1.03
CA ALA A 396 49.14 -12.77 2.04
C ALA A 396 50.10 -11.59 1.90
N ARG A 397 50.76 -11.49 0.75
CA ARG A 397 51.72 -10.42 0.54
C ARG A 397 51.15 -9.04 0.22
N MET A 398 49.99 -9.00 -0.44
CA MET A 398 49.40 -7.71 -0.82
C MET A 398 48.62 -6.94 0.24
N ILE A 399 48.10 -7.63 1.24
CA ILE A 399 47.30 -6.96 2.28
C ILE A 399 47.97 -5.77 2.98
N PRO A 400 49.17 -5.97 3.55
CA PRO A 400 49.80 -4.83 4.23
C PRO A 400 49.85 -3.54 3.39
N ALA A 401 50.46 -3.61 2.22
CA ALA A 401 50.59 -2.45 1.35
C ALA A 401 49.26 -1.87 0.89
N ALA A 402 48.31 -2.75 0.57
CA ALA A 402 47.00 -2.31 0.12
C ALA A 402 46.32 -1.46 1.18
N LEU A 403 46.37 -1.93 2.42
CA LEU A 403 45.79 -1.22 3.55
C LEU A 403 46.50 0.12 3.70
N ASP A 404 47.81 0.11 3.45
CA ASP A 404 48.61 1.34 3.52
C ASP A 404 48.15 2.33 2.46
N ASN A 405 48.28 1.93 1.20
CA ASN A 405 47.91 2.78 0.09
C ASN A 405 46.53 3.39 0.23
N VAL A 406 45.58 2.60 0.73
CA VAL A 406 44.22 3.12 0.89
C VAL A 406 44.19 4.24 1.92
N LYS A 407 44.69 3.99 3.12
CA LYS A 407 44.66 5.01 4.17
C LYS A 407 45.13 6.39 3.68
N THR A 408 46.14 6.40 2.82
CA THR A 408 46.66 7.66 2.32
C THR A 408 45.72 8.37 1.31
N SER A 409 44.77 7.63 0.78
CA SER A 409 43.81 8.17 -0.19
C SER A 409 42.51 8.58 0.51
N LEU A 410 42.53 8.52 1.83
CA LEU A 410 41.35 8.88 2.61
C LEU A 410 41.35 10.38 2.89
N PRO A 411 40.17 11.02 2.83
CA PRO A 411 40.08 12.46 3.10
C PRO A 411 40.49 12.63 4.56
N THR A 412 41.08 13.78 4.89
CA THR A 412 41.50 14.00 6.27
C THR A 412 40.31 13.96 7.22
N ASP A 413 39.12 14.23 6.70
CA ASP A 413 37.92 14.23 7.53
C ASP A 413 37.24 12.88 7.69
N PHE A 414 37.95 11.79 7.39
CA PHE A 414 37.38 10.46 7.51
C PHE A 414 37.48 9.94 8.96
N PRO A 415 36.43 9.27 9.46
CA PRO A 415 36.41 8.73 10.83
C PRO A 415 37.48 7.68 11.08
N GLU A 416 38.42 8.03 11.95
CA GLU A 416 39.54 7.17 12.31
C GLU A 416 39.21 5.83 12.96
N ASN A 417 38.22 5.78 13.84
CA ASN A 417 37.89 4.52 14.49
C ASN A 417 37.58 3.44 13.45
N VAL A 418 36.89 3.84 12.39
CA VAL A 418 36.54 2.92 11.31
C VAL A 418 37.81 2.35 10.69
N VAL A 419 38.76 3.22 10.39
CA VAL A 419 40.01 2.79 9.80
C VAL A 419 40.83 1.89 10.71
N THR A 420 40.86 2.21 11.99
CA THR A 420 41.63 1.43 12.95
C THR A 420 41.07 0.03 13.15
N ALA A 421 39.77 -0.03 13.37
CA ALA A 421 39.09 -1.31 13.61
C ALA A 421 39.28 -2.23 12.41
N VAL A 422 39.06 -1.69 11.21
CA VAL A 422 39.19 -2.46 9.98
C VAL A 422 40.57 -3.09 9.78
N GLU A 423 41.61 -2.26 9.74
CA GLU A 423 42.95 -2.81 9.52
C GLU A 423 43.52 -3.56 10.70
N SER A 424 43.13 -3.19 11.92
CA SER A 424 43.63 -3.93 13.07
C SER A 424 43.09 -5.35 12.98
N ASN A 425 41.79 -5.46 12.71
CA ASN A 425 41.16 -6.77 12.58
C ASN A 425 41.57 -7.53 11.32
N VAL A 426 41.81 -6.82 10.22
CA VAL A 426 42.24 -7.49 9.00
C VAL A 426 43.63 -8.06 9.23
N LEU A 427 44.60 -7.21 9.58
CA LEU A 427 45.96 -7.65 9.83
C LEU A 427 45.99 -8.87 10.73
N ARG A 428 45.07 -8.89 11.69
CA ARG A 428 44.95 -10.00 12.61
C ARG A 428 44.65 -11.27 11.78
N LEU A 429 43.57 -11.22 11.01
CA LEU A 429 43.20 -12.36 10.15
C LEU A 429 44.29 -12.64 9.10
N HIS A 430 44.82 -11.57 8.51
CA HIS A 430 45.87 -11.66 7.50
C HIS A 430 47.05 -12.49 8.01
N GLY A 431 47.37 -12.32 9.30
CA GLY A 431 48.45 -13.06 9.89
C GLY A 431 48.32 -14.56 9.65
N ARG A 432 47.08 -15.03 9.55
CA ARG A 432 46.81 -16.43 9.31
C ARG A 432 47.28 -16.83 7.91
N LEU A 433 47.40 -15.85 7.03
CA LEU A 433 47.84 -16.13 5.66
C LEU A 433 49.35 -15.99 5.51
N SER A 434 49.92 -14.97 6.14
CA SER A 434 51.36 -14.73 6.06
C SER A 434 52.18 -15.82 6.74
N ARG A 435 51.62 -16.45 7.77
CA ARG A 435 52.36 -17.52 8.44
C ARG A 435 52.38 -18.75 7.54
N GLU A 436 51.44 -18.82 6.62
CA GLU A 436 51.34 -19.96 5.71
C GLU A 436 52.08 -19.74 4.39
N TYR A 437 51.94 -18.55 3.80
CA TYR A 437 52.58 -18.23 2.53
C TYR A 437 53.68 -17.19 2.67
N LYS B 3 -48.13 10.36 -7.28
CA LYS B 3 -47.22 9.24 -7.61
C LYS B 3 -45.79 9.74 -7.79
N LEU B 4 -44.83 9.06 -7.16
CA LEU B 4 -43.42 9.45 -7.26
C LEU B 4 -42.67 8.86 -8.44
N VAL B 5 -42.11 9.73 -9.28
CA VAL B 5 -41.36 9.27 -10.43
C VAL B 5 -39.93 9.06 -9.99
N THR B 6 -39.34 7.95 -10.40
CA THR B 6 -37.98 7.65 -10.02
C THR B 6 -37.01 8.07 -11.11
N TRP B 7 -36.04 8.88 -10.73
CA TRP B 7 -35.04 9.36 -11.68
C TRP B 7 -33.63 9.01 -11.22
N MET B 8 -32.76 8.76 -12.19
CA MET B 8 -31.37 8.48 -11.91
C MET B 8 -30.61 9.44 -12.82
N ASN B 9 -30.09 10.52 -12.21
CA ASN B 9 -29.39 11.55 -12.96
C ASN B 9 -30.35 12.21 -13.94
N ASN B 10 -30.44 11.67 -15.15
CA ASN B 10 -31.32 12.25 -16.16
C ASN B 10 -32.35 11.28 -16.73
N GLN B 11 -32.21 10.00 -16.40
CA GLN B 11 -33.11 8.97 -16.91
C GLN B 11 -34.29 8.60 -16.00
N ARG B 12 -35.47 8.49 -16.62
CA ARG B 12 -36.69 8.10 -15.92
C ARG B 12 -36.66 6.59 -15.68
N VAL B 13 -36.41 6.19 -14.44
CA VAL B 13 -36.31 4.78 -14.09
C VAL B 13 -37.64 4.05 -13.88
N GLY B 14 -38.54 4.65 -13.11
CA GLY B 14 -39.82 4.02 -12.85
C GLY B 14 -40.72 4.91 -12.02
N GLU B 15 -41.75 4.33 -11.41
CA GLU B 15 -42.66 5.11 -10.60
C GLU B 15 -43.03 4.41 -9.31
N LEU B 16 -42.99 5.16 -8.21
CA LEU B 16 -43.34 4.62 -6.91
C LEU B 16 -44.78 5.02 -6.64
N THR B 17 -45.62 4.05 -6.35
CA THR B 17 -47.02 4.35 -6.07
C THR B 17 -47.48 3.78 -4.74
N LYS B 18 -48.31 4.56 -4.04
CA LYS B 18 -48.87 4.14 -2.76
C LYS B 18 -50.37 3.92 -2.98
N LEU B 19 -50.74 2.67 -3.24
CA LEU B 19 -52.14 2.32 -3.48
C LEU B 19 -52.97 2.76 -2.28
N ALA B 20 -54.28 2.88 -2.48
CA ALA B 20 -55.20 3.30 -1.43
C ALA B 20 -55.11 2.43 -0.17
N ASN B 21 -54.80 1.14 -0.34
CA ASN B 21 -54.69 0.26 0.81
C ASN B 21 -53.38 0.47 1.54
N GLY B 22 -52.68 1.56 1.20
CA GLY B 22 -51.42 1.88 1.85
C GLY B 22 -50.22 1.11 1.32
N ALA B 23 -50.48 0.19 0.40
CA ALA B 23 -49.42 -0.63 -0.17
C ALA B 23 -48.46 0.14 -1.07
N HIS B 24 -47.17 -0.14 -0.91
CA HIS B 24 -46.15 0.50 -1.71
C HIS B 24 -45.75 -0.45 -2.85
N THR B 25 -46.03 -0.03 -4.08
CA THR B 25 -45.69 -0.83 -5.25
C THR B 25 -44.79 0.01 -6.16
N PHE B 26 -43.87 -0.65 -6.84
CA PHE B 26 -42.96 0.04 -7.76
C PHE B 26 -43.01 -0.62 -9.12
N LYS B 27 -42.93 0.19 -10.17
CA LYS B 27 -42.95 -0.33 -11.53
C LYS B 27 -41.88 0.35 -12.37
N TYR B 28 -41.14 -0.45 -13.14
CA TYR B 28 -40.08 0.09 -13.98
C TYR B 28 -40.62 0.67 -15.27
N ALA B 29 -40.01 1.77 -15.71
CA ALA B 29 -40.41 2.42 -16.95
C ALA B 29 -39.94 1.52 -18.08
N PRO B 30 -40.85 1.16 -19.00
CA PRO B 30 -40.46 0.30 -20.12
C PRO B 30 -39.26 0.81 -20.92
N GLU B 31 -39.13 2.12 -21.06
CA GLU B 31 -38.00 2.65 -21.80
C GLU B 31 -36.70 2.46 -21.00
N TRP B 32 -36.83 2.27 -19.70
CA TRP B 32 -35.65 2.03 -18.87
C TRP B 32 -35.25 0.57 -19.08
N LEU B 33 -36.25 -0.30 -19.18
CA LEU B 33 -36.02 -1.72 -19.39
C LEU B 33 -35.44 -1.97 -20.77
N ALA B 34 -35.69 -1.04 -21.70
CA ALA B 34 -35.18 -1.17 -23.05
C ALA B 34 -33.84 -0.46 -23.17
N SER B 35 -33.52 0.35 -22.16
CA SER B 35 -32.27 1.08 -22.15
C SER B 35 -31.11 0.10 -22.05
N ARG B 36 -29.97 0.48 -22.63
CA ARG B 36 -28.78 -0.36 -22.62
C ARG B 36 -28.02 -0.20 -21.30
N TYR B 37 -27.99 1.03 -20.81
CA TYR B 37 -27.30 1.33 -19.56
C TYR B 37 -28.26 1.21 -18.39
N ALA B 38 -29.12 0.20 -18.45
CA ALA B 38 -30.13 -0.05 -17.43
C ALA B 38 -29.69 -0.99 -16.30
N ARG B 39 -29.87 -0.52 -15.07
CA ARG B 39 -29.51 -1.30 -13.90
C ARG B 39 -30.67 -1.23 -12.93
N PRO B 40 -30.82 -2.24 -12.08
CA PRO B 40 -31.93 -2.21 -11.12
C PRO B 40 -31.75 -1.13 -10.04
N LEU B 41 -32.86 -0.74 -9.45
CA LEU B 41 -32.89 0.26 -8.39
C LEU B 41 -32.11 -0.32 -7.21
N SER B 42 -32.37 -1.60 -6.96
CA SER B 42 -31.75 -2.34 -5.87
C SER B 42 -31.57 -3.75 -6.35
N LEU B 43 -30.65 -4.48 -5.71
CA LEU B 43 -30.44 -5.87 -6.08
C LEU B 43 -31.57 -6.70 -5.53
N SER B 44 -32.39 -6.10 -4.66
CA SER B 44 -33.53 -6.81 -4.09
C SER B 44 -34.76 -6.46 -4.93
N LEU B 45 -34.55 -5.60 -5.91
CA LEU B 45 -35.62 -5.16 -6.82
C LEU B 45 -35.16 -5.34 -8.26
N PRO B 46 -34.89 -6.59 -8.67
CA PRO B 46 -34.44 -6.89 -10.04
C PRO B 46 -35.32 -6.32 -11.15
N LEU B 47 -34.68 -5.97 -12.26
CA LEU B 47 -35.38 -5.42 -13.43
C LEU B 47 -36.36 -6.46 -13.93
N GLN B 48 -37.58 -6.00 -14.22
CA GLN B 48 -38.66 -6.88 -14.69
C GLN B 48 -39.77 -6.04 -15.31
N ARG B 49 -40.64 -6.68 -16.07
CA ARG B 49 -41.75 -5.99 -16.71
C ARG B 49 -43.04 -6.25 -15.93
N GLY B 50 -43.33 -5.41 -14.95
CA GLY B 50 -44.53 -5.61 -14.16
C GLY B 50 -44.50 -4.87 -12.84
N ASN B 51 -45.66 -4.82 -12.18
CA ASN B 51 -45.79 -4.14 -10.89
C ASN B 51 -45.20 -5.03 -9.78
N ILE B 52 -44.27 -4.48 -9.02
CA ILE B 52 -43.63 -5.20 -7.91
C ILE B 52 -44.35 -4.81 -6.62
N THR B 53 -44.66 -5.80 -5.79
CA THR B 53 -45.40 -5.53 -4.57
C THR B 53 -44.85 -6.21 -3.31
N SER B 54 -43.67 -6.78 -3.40
CA SER B 54 -43.07 -7.43 -2.25
C SER B 54 -42.86 -6.40 -1.13
N ASP B 55 -42.41 -6.85 0.03
CA ASP B 55 -42.15 -5.93 1.13
C ASP B 55 -40.80 -5.29 0.89
N ALA B 56 -40.12 -5.78 -0.15
CA ALA B 56 -38.81 -5.27 -0.53
C ALA B 56 -38.95 -3.86 -1.09
N VAL B 57 -40.15 -3.53 -1.55
CA VAL B 57 -40.43 -2.21 -2.12
C VAL B 57 -40.45 -1.20 -0.98
N PHE B 58 -41.30 -1.49 0.01
CA PHE B 58 -41.45 -0.65 1.18
C PHE B 58 -40.11 -0.51 1.90
N ASN B 59 -39.45 -1.64 2.14
CA ASN B 59 -38.17 -1.69 2.83
C ASN B 59 -37.05 -0.89 2.18
N PHE B 60 -36.99 -0.93 0.86
CA PHE B 60 -35.94 -0.21 0.15
C PHE B 60 -36.04 1.28 0.37
N PHE B 61 -37.22 1.82 0.11
CA PHE B 61 -37.44 3.24 0.25
C PHE B 61 -37.42 3.72 1.70
N ASP B 62 -37.96 2.91 2.60
CA ASP B 62 -37.96 3.29 4.01
C ASP B 62 -36.53 3.44 4.47
N ASN B 63 -35.61 2.74 3.81
CA ASN B 63 -34.21 2.79 4.19
C ASN B 63 -33.44 4.00 3.66
N LEU B 64 -34.12 4.82 2.86
CA LEU B 64 -33.53 6.05 2.34
C LEU B 64 -33.77 7.19 3.34
N LEU B 65 -34.72 6.96 4.25
CA LEU B 65 -35.11 7.95 5.25
C LEU B 65 -34.33 7.89 6.57
N PRO B 66 -34.33 8.99 7.34
CA PRO B 66 -33.61 8.97 8.62
C PRO B 66 -34.12 7.80 9.47
N ASP B 67 -33.24 7.23 10.28
CA ASP B 67 -33.62 6.10 11.10
C ASP B 67 -34.47 6.49 12.31
N SER B 68 -34.32 7.73 12.77
CA SER B 68 -35.06 8.18 13.94
C SER B 68 -36.53 8.53 13.71
N PRO B 69 -37.44 7.97 14.52
CA PRO B 69 -38.87 8.25 14.37
C PRO B 69 -39.15 9.72 14.68
N ILE B 70 -38.42 10.29 15.64
CA ILE B 70 -38.59 11.70 16.02
C ILE B 70 -38.31 12.62 14.84
N VAL B 71 -37.15 12.41 14.21
CA VAL B 71 -36.75 13.21 13.06
C VAL B 71 -37.82 13.11 11.97
N ARG B 72 -38.39 11.93 11.77
CA ARG B 72 -39.43 11.77 10.77
C ARG B 72 -40.62 12.64 11.17
N ASP B 73 -40.87 12.72 12.48
CA ASP B 73 -41.95 13.54 13.01
C ASP B 73 -41.68 14.99 12.62
N ARG B 74 -40.41 15.40 12.66
CA ARG B 74 -40.04 16.76 12.31
C ARG B 74 -40.26 16.96 10.81
N ILE B 75 -40.10 15.89 10.04
CA ILE B 75 -40.31 15.98 8.61
C ILE B 75 -41.78 16.27 8.34
N VAL B 76 -42.66 15.53 9.00
CA VAL B 76 -44.09 15.72 8.81
C VAL B 76 -44.44 17.18 9.11
N LYS B 77 -44.10 17.65 10.30
CA LYS B 77 -44.41 19.03 10.67
C LYS B 77 -43.76 20.04 9.72
N ARG B 78 -42.53 19.78 9.33
CA ARG B 78 -41.80 20.68 8.42
C ARG B 78 -42.51 20.97 7.10
N TYR B 79 -42.94 19.92 6.40
CA TYR B 79 -43.60 20.09 5.11
C TYR B 79 -45.06 19.66 5.09
N HIS B 80 -45.60 19.35 6.25
CA HIS B 80 -46.99 18.89 6.35
C HIS B 80 -47.22 17.67 5.48
N ALA B 81 -46.61 16.56 5.85
CA ALA B 81 -46.75 15.32 5.10
C ALA B 81 -48.11 14.69 5.38
N LYS B 82 -48.66 14.02 4.38
CA LYS B 82 -49.97 13.39 4.53
C LYS B 82 -49.93 12.30 5.61
N SER B 83 -48.75 11.72 5.82
CA SER B 83 -48.57 10.68 6.82
C SER B 83 -47.09 10.52 7.11
N ARG B 84 -46.76 9.56 7.98
CA ARG B 84 -45.37 9.33 8.29
C ARG B 84 -44.83 8.21 7.40
N GLN B 85 -45.69 7.67 6.55
CA GLN B 85 -45.28 6.60 5.65
C GLN B 85 -44.17 7.07 4.71
N PRO B 86 -43.34 6.14 4.24
CA PRO B 86 -42.22 6.43 3.33
C PRO B 86 -42.59 7.31 2.13
N PHE B 87 -43.59 6.86 1.38
CA PHE B 87 -44.06 7.56 0.19
C PHE B 87 -44.20 9.05 0.43
N ASP B 88 -44.93 9.41 1.46
CA ASP B 88 -45.17 10.80 1.78
C ASP B 88 -43.99 11.61 2.28
N LEU B 89 -43.12 11.02 3.09
CA LEU B 89 -41.97 11.77 3.55
C LEU B 89 -41.05 11.96 2.34
N LEU B 90 -40.87 10.89 1.56
CA LEU B 90 -40.02 10.96 0.40
C LEU B 90 -40.60 11.89 -0.67
N SER B 91 -41.89 12.17 -0.60
CA SER B 91 -42.53 13.09 -1.55
C SER B 91 -42.11 14.52 -1.24
N GLU B 92 -41.64 14.74 -0.03
CA GLU B 92 -41.21 16.08 0.34
C GLU B 92 -39.70 16.26 0.23
N ILE B 93 -38.94 15.26 0.68
CA ILE B 93 -37.47 15.37 0.66
C ILE B 93 -36.69 14.31 -0.12
N GLY B 94 -37.38 13.53 -0.95
CA GLY B 94 -36.72 12.48 -1.70
C GLY B 94 -35.93 12.86 -2.95
N ARG B 95 -35.80 14.15 -3.18
CA ARG B 95 -35.09 14.64 -4.36
C ARG B 95 -33.59 14.31 -4.31
N ASP B 96 -33.00 14.41 -3.13
CA ASP B 96 -31.59 14.12 -2.96
C ASP B 96 -31.41 13.11 -1.84
N SER B 97 -31.32 11.85 -2.22
CA SER B 97 -31.14 10.76 -1.25
C SER B 97 -29.78 10.12 -1.50
N VAL B 98 -29.42 9.17 -0.64
CA VAL B 98 -28.15 8.47 -0.78
C VAL B 98 -28.25 7.59 -2.02
N GLY B 99 -27.18 7.55 -2.80
CA GLY B 99 -27.20 6.78 -4.02
C GLY B 99 -27.46 7.68 -5.22
N ALA B 100 -28.15 7.15 -6.21
CA ALA B 100 -28.45 7.91 -7.42
C ALA B 100 -29.93 7.94 -7.73
N VAL B 101 -30.77 7.92 -6.70
CA VAL B 101 -32.21 7.97 -6.92
C VAL B 101 -32.76 9.34 -6.56
N THR B 102 -33.60 9.87 -7.43
CA THR B 102 -34.22 11.17 -7.24
C THR B 102 -35.72 11.01 -7.39
N LEU B 103 -36.45 11.27 -6.32
CA LEU B 103 -37.90 11.13 -6.30
C LEU B 103 -38.60 12.46 -6.49
N ILE B 104 -39.37 12.56 -7.58
CA ILE B 104 -40.11 13.76 -7.94
C ILE B 104 -41.61 13.46 -8.07
N PRO B 105 -42.47 14.29 -7.48
CA PRO B 105 -43.91 14.06 -7.56
C PRO B 105 -44.38 14.14 -9.01
N GLU B 106 -45.30 13.25 -9.38
CA GLU B 106 -45.83 13.18 -10.73
C GLU B 106 -46.33 14.54 -11.26
N ASP B 107 -46.90 15.35 -10.39
CA ASP B 107 -47.41 16.66 -10.80
C ASP B 107 -46.50 17.79 -10.33
N GLU B 108 -45.22 17.47 -10.14
CA GLU B 108 -44.24 18.46 -9.68
C GLU B 108 -43.76 19.27 -10.88
N THR B 109 -44.71 19.69 -11.71
CA THR B 109 -44.40 20.47 -12.91
C THR B 109 -43.68 21.78 -12.59
N VAL B 110 -42.36 21.67 -12.45
CA VAL B 110 -41.48 22.79 -12.15
C VAL B 110 -40.12 22.43 -12.73
N THR B 111 -39.58 23.29 -13.60
CA THR B 111 -38.29 23.03 -14.22
C THR B 111 -37.14 23.30 -13.24
N HIS B 112 -36.80 22.31 -12.42
CA HIS B 112 -35.74 22.44 -11.44
C HIS B 112 -34.36 22.56 -12.08
N PRO B 113 -33.60 23.61 -11.72
CA PRO B 113 -32.25 23.80 -12.30
C PRO B 113 -31.31 22.60 -12.03
N ILE B 114 -30.48 22.27 -13.01
CA ILE B 114 -29.57 21.14 -12.90
C ILE B 114 -28.27 21.39 -12.13
N MET B 115 -27.75 22.60 -12.20
CA MET B 115 -26.51 22.96 -11.49
C MET B 115 -26.57 24.40 -10.99
N ALA B 116 -27.17 24.60 -9.83
CA ALA B 116 -27.31 25.92 -9.23
C ALA B 116 -27.29 25.80 -7.71
N TRP B 117 -26.73 26.81 -7.04
CA TRP B 117 -26.63 26.81 -5.58
C TRP B 117 -26.62 28.22 -4.99
N GLU B 118 -26.59 28.28 -3.66
CA GLU B 118 -26.58 29.53 -2.93
C GLU B 118 -25.64 29.39 -1.73
N LYS B 119 -24.57 30.18 -1.72
CA LYS B 119 -23.59 30.10 -0.63
C LYS B 119 -24.16 30.44 0.73
N LEU B 120 -23.58 29.84 1.76
CA LEU B 120 -24.01 30.06 3.13
C LEU B 120 -22.98 30.91 3.87
N THR B 121 -23.44 31.99 4.49
CA THR B 121 -22.57 32.85 5.28
C THR B 121 -22.24 32.00 6.50
N GLU B 122 -21.17 32.34 7.20
CA GLU B 122 -20.83 31.56 8.39
C GLU B 122 -22.01 31.66 9.34
N ALA B 123 -22.82 32.69 9.15
CA ALA B 123 -24.00 32.94 9.97
C ALA B 123 -25.15 32.02 9.57
N ARG B 124 -25.39 31.92 8.26
CA ARG B 124 -26.46 31.06 7.74
C ARG B 124 -26.12 29.59 8.04
N LEU B 125 -24.89 29.21 7.73
CA LEU B 125 -24.41 27.86 7.97
C LEU B 125 -24.73 27.43 9.41
N GLU B 126 -24.28 28.23 10.37
CA GLU B 126 -24.50 27.95 11.79
C GLU B 126 -25.97 27.69 12.10
N GLU B 127 -26.86 28.41 11.42
CA GLU B 127 -28.29 28.24 11.63
C GLU B 127 -28.73 26.87 11.11
N VAL B 128 -28.14 26.45 10.00
CA VAL B 128 -28.46 25.16 9.43
C VAL B 128 -27.98 24.07 10.38
N LEU B 129 -26.71 24.18 10.75
CA LEU B 129 -26.06 23.23 11.64
C LEU B 129 -26.62 23.11 13.06
N THR B 130 -27.42 24.09 13.49
CA THR B 130 -28.01 24.05 14.82
C THR B 130 -29.53 23.93 14.73
N ALA B 131 -30.04 23.82 13.51
CA ALA B 131 -31.47 23.71 13.26
C ALA B 131 -32.19 22.66 14.12
N TYR B 132 -31.47 21.63 14.53
CA TYR B 132 -32.10 20.58 15.34
C TYR B 132 -32.66 21.17 16.64
N LYS B 133 -32.10 22.29 17.09
CA LYS B 133 -32.57 22.93 18.31
C LYS B 133 -33.94 23.59 18.09
N ALA B 134 -34.49 23.46 16.90
CA ALA B 134 -35.79 24.05 16.61
C ALA B 134 -36.76 23.01 16.04
N ASP B 135 -36.47 21.75 16.30
CA ASP B 135 -37.30 20.65 15.82
C ASP B 135 -37.40 20.61 14.29
N ILE B 136 -36.28 20.90 13.63
CA ILE B 136 -36.19 20.89 12.19
C ILE B 136 -35.44 19.63 11.75
N PRO B 137 -35.81 19.06 10.60
CA PRO B 137 -35.15 17.85 10.10
C PRO B 137 -33.94 18.12 9.18
N LEU B 138 -32.92 17.29 9.30
CA LEU B 138 -31.73 17.37 8.47
C LEU B 138 -31.25 18.76 8.08
N GLY B 139 -31.37 19.73 8.99
CA GLY B 139 -30.91 21.08 8.68
C GLY B 139 -31.77 21.88 7.71
N MET B 140 -32.88 21.30 7.26
CA MET B 140 -33.77 21.97 6.31
C MET B 140 -34.59 23.11 6.93
N ILE B 141 -33.90 24.18 7.31
CA ILE B 141 -34.56 25.34 7.92
C ILE B 141 -35.77 25.81 7.12
N ARG B 142 -36.74 26.39 7.81
CA ARG B 142 -37.97 26.87 7.18
C ARG B 142 -37.78 28.11 6.33
N GLU B 143 -36.56 28.63 6.29
CA GLU B 143 -36.23 29.82 5.50
C GLU B 143 -35.96 29.47 4.03
N GLU B 144 -35.72 28.19 3.76
CA GLU B 144 -35.46 27.70 2.40
C GLU B 144 -36.51 26.67 2.03
N ASN B 145 -37.06 26.78 0.83
CA ASN B 145 -38.09 25.84 0.39
C ASN B 145 -37.61 24.92 -0.73
N ASP B 146 -36.32 25.00 -1.05
CA ASP B 146 -35.74 24.16 -2.09
C ASP B 146 -34.50 23.48 -1.52
N PHE B 147 -34.64 22.97 -0.29
CA PHE B 147 -33.57 22.28 0.41
C PHE B 147 -34.17 20.93 0.79
N ARG B 148 -34.33 20.07 -0.21
CA ARG B 148 -34.94 18.75 -0.02
C ARG B 148 -33.92 17.62 -0.10
N ILE B 149 -33.51 17.12 1.05
CA ILE B 149 -32.54 16.03 1.13
C ILE B 149 -33.03 14.98 2.11
N SER B 150 -32.43 13.79 2.03
CA SER B 150 -32.78 12.70 2.93
C SER B 150 -31.56 11.82 3.06
N VAL B 151 -31.17 11.51 4.29
CA VAL B 151 -30.02 10.65 4.56
C VAL B 151 -30.36 9.71 5.73
N ALA B 152 -30.04 8.43 5.59
CA ALA B 152 -30.35 7.48 6.66
C ALA B 152 -29.44 7.68 7.85
N GLY B 153 -29.60 6.82 8.86
CA GLY B 153 -28.79 6.92 10.06
C GLY B 153 -29.50 7.58 11.22
N ALA B 154 -28.96 7.37 12.43
CA ALA B 154 -29.53 7.93 13.65
C ALA B 154 -28.88 9.22 14.12
N GLN B 155 -27.67 9.51 13.65
CA GLN B 155 -27.00 10.74 14.09
C GLN B 155 -27.59 11.98 13.46
N GLU B 156 -27.77 13.02 14.28
CA GLU B 156 -28.30 14.27 13.79
C GLU B 156 -27.32 14.77 12.74
N LYS B 157 -27.81 15.18 11.59
CA LYS B 157 -26.91 15.67 10.56
C LYS B 157 -27.67 16.39 9.44
N THR B 158 -26.95 16.63 8.35
CA THR B 158 -27.49 17.28 7.17
C THR B 158 -26.51 16.94 6.04
N ALA B 159 -26.72 17.52 4.86
CA ALA B 159 -25.85 17.27 3.72
C ALA B 159 -25.83 18.57 2.92
N LEU B 160 -24.65 19.00 2.49
CA LEU B 160 -24.52 20.24 1.75
C LEU B 160 -23.64 20.13 0.51
N LEU B 161 -23.65 21.19 -0.28
CA LEU B 161 -22.83 21.25 -1.49
C LEU B 161 -21.63 22.15 -1.24
N ARG B 162 -20.46 21.66 -1.60
CA ARG B 162 -19.24 22.43 -1.39
C ARG B 162 -18.70 22.95 -2.72
N ILE B 163 -18.63 24.27 -2.84
CA ILE B 163 -18.07 24.90 -4.03
C ILE B 163 -16.84 25.65 -3.59
N GLY B 164 -15.68 25.17 -4.03
CA GLY B 164 -14.44 25.78 -3.63
C GLY B 164 -14.33 25.59 -2.13
N ASN B 165 -14.27 26.69 -1.41
CA ASN B 165 -14.17 26.61 0.03
C ASN B 165 -15.48 26.99 0.72
N ASP B 166 -16.53 27.20 -0.06
CA ASP B 166 -17.84 27.59 0.47
C ASP B 166 -18.79 26.41 0.72
N TRP B 167 -19.72 26.62 1.65
CA TRP B 167 -20.73 25.62 1.97
C TRP B 167 -22.02 26.21 1.43
N CYS B 168 -22.68 25.46 0.57
CA CYS B 168 -23.91 25.95 -0.06
C CYS B 168 -25.07 24.97 -0.07
N ILE B 169 -26.26 25.52 -0.25
CA ILE B 169 -27.47 24.72 -0.32
C ILE B 169 -27.78 24.55 -1.79
N PRO B 170 -27.88 23.29 -2.26
CA PRO B 170 -28.18 23.10 -3.68
C PRO B 170 -29.63 23.44 -3.98
N LYS B 171 -29.89 23.84 -5.22
CA LYS B 171 -31.23 24.19 -5.68
C LYS B 171 -31.65 23.23 -6.79
N GLY B 172 -32.92 22.88 -6.83
CA GLY B 172 -33.40 21.97 -7.86
C GLY B 172 -32.95 20.54 -7.65
N ILE B 173 -32.49 19.88 -8.71
CA ILE B 173 -32.00 18.51 -8.60
C ILE B 173 -30.48 18.47 -8.53
N THR B 174 -29.90 19.60 -8.10
CA THR B 174 -28.46 19.72 -7.92
C THR B 174 -28.11 18.92 -6.67
N PRO B 175 -27.09 18.05 -6.76
CA PRO B 175 -26.65 17.20 -5.64
C PRO B 175 -25.80 17.84 -4.55
N THR B 176 -25.75 17.18 -3.39
CA THR B 176 -24.94 17.62 -2.27
C THR B 176 -23.64 16.85 -2.45
N THR B 177 -22.60 17.21 -1.71
CA THR B 177 -21.32 16.52 -1.85
C THR B 177 -20.77 15.96 -0.54
N HIS B 178 -21.30 16.46 0.57
CA HIS B 178 -20.82 16.05 1.87
C HIS B 178 -21.98 15.77 2.80
N ILE B 179 -21.75 14.85 3.72
CA ILE B 179 -22.72 14.53 4.73
C ILE B 179 -22.10 15.17 5.96
N ILE B 180 -22.85 16.03 6.61
CA ILE B 180 -22.34 16.72 7.78
C ILE B 180 -22.97 16.22 9.09
N LYS B 181 -22.13 15.64 9.95
CA LYS B 181 -22.56 15.10 11.24
C LYS B 181 -22.40 16.08 12.40
N LEU B 182 -23.38 16.07 13.30
CA LEU B 182 -23.38 16.95 14.46
C LEU B 182 -23.18 16.18 15.76
N PRO B 183 -22.61 16.81 16.79
CA PRO B 183 -22.38 16.14 18.07
C PRO B 183 -23.65 15.49 18.65
N GLN B 198 -19.08 15.11 21.80
CA GLN B 198 -17.69 14.72 21.58
C GLN B 198 -17.58 13.65 20.49
N SER B 199 -18.71 13.36 19.87
CA SER B 199 -18.78 12.36 18.82
C SER B 199 -18.13 12.77 17.49
N VAL B 200 -17.92 14.07 17.31
CA VAL B 200 -17.33 14.57 16.08
C VAL B 200 -15.82 14.31 16.02
N ASP B 201 -15.13 14.51 17.14
CA ASP B 201 -13.70 14.30 17.18
C ASP B 201 -13.34 12.82 17.14
N ASN B 202 -14.23 12.01 17.69
CA ASN B 202 -14.05 10.57 17.73
C ASN B 202 -13.89 10.07 16.30
N GLU B 203 -14.97 10.17 15.53
CA GLU B 203 -14.99 9.74 14.14
C GLU B 203 -13.89 10.40 13.29
N TYR B 204 -13.65 11.69 13.52
CA TYR B 204 -12.60 12.40 12.79
C TYR B 204 -11.30 11.62 12.99
N TYR B 205 -10.97 11.39 14.26
CA TYR B 205 -9.77 10.64 14.63
C TYR B 205 -9.79 9.24 14.00
N CYS B 206 -10.92 8.56 14.13
CA CYS B 206 -11.04 7.20 13.60
C CYS B 206 -10.95 7.13 12.07
N LEU B 207 -11.47 8.13 11.36
CA LEU B 207 -11.38 8.10 9.90
C LEU B 207 -9.92 8.27 9.46
N LEU B 208 -9.22 9.17 10.13
CA LEU B 208 -7.81 9.45 9.84
C LEU B 208 -6.96 8.22 10.05
N LEU B 209 -7.24 7.50 11.13
CA LEU B 209 -6.46 6.31 11.44
C LEU B 209 -6.76 5.21 10.41
N ALA B 210 -8.02 5.05 10.05
CA ALA B 210 -8.37 4.03 9.07
C ALA B 210 -7.62 4.35 7.76
N LYS B 211 -7.49 5.63 7.44
CA LYS B 211 -6.79 6.07 6.23
C LYS B 211 -5.29 5.83 6.36
N GLU B 212 -4.74 6.24 7.50
CA GLU B 212 -3.32 6.07 7.78
C GLU B 212 -2.90 4.61 7.72
N LEU B 213 -3.84 3.71 7.97
CA LEU B 213 -3.57 2.27 7.95
C LEU B 213 -3.84 1.65 6.58
N GLY B 214 -4.34 2.44 5.64
CA GLY B 214 -4.59 1.90 4.31
C GLY B 214 -6.00 1.41 4.01
N LEU B 215 -6.95 1.72 4.90
CA LEU B 215 -8.32 1.29 4.68
C LEU B 215 -9.02 2.27 3.73
N ASN B 216 -9.99 1.79 2.97
CA ASN B 216 -10.70 2.66 2.05
C ASN B 216 -11.86 3.35 2.78
N VAL B 217 -11.65 4.62 3.11
CA VAL B 217 -12.64 5.42 3.81
C VAL B 217 -12.63 6.81 3.19
N PRO B 218 -13.69 7.61 3.42
CA PRO B 218 -13.77 8.97 2.87
C PRO B 218 -12.99 9.99 3.67
N ASP B 219 -12.42 10.98 3.00
CA ASP B 219 -11.69 12.02 3.71
C ASP B 219 -12.76 12.83 4.43
N ALA B 220 -12.42 13.38 5.58
CA ALA B 220 -13.37 14.17 6.32
C ALA B 220 -12.61 15.36 6.87
N GLU B 221 -13.31 16.25 7.54
CA GLU B 221 -12.66 17.41 8.13
C GLU B 221 -13.62 18.12 9.06
N ILE B 222 -13.07 18.63 10.14
CA ILE B 222 -13.84 19.35 11.12
C ILE B 222 -14.09 20.76 10.62
N ILE B 223 -15.35 21.16 10.60
CA ILE B 223 -15.70 22.50 10.17
C ILE B 223 -16.29 23.29 11.33
N LYS B 224 -15.86 24.54 11.46
CA LYS B 224 -16.33 25.40 12.52
C LYS B 224 -17.29 26.45 11.97
N ALA B 225 -18.48 26.50 12.54
CA ALA B 225 -19.48 27.46 12.11
C ALA B 225 -19.99 28.19 13.34
N GLY B 226 -19.19 29.13 13.83
CA GLY B 226 -19.57 29.89 15.01
C GLY B 226 -19.23 29.13 16.27
N ASN B 227 -20.26 28.61 16.94
CA ASN B 227 -20.06 27.85 18.17
C ASN B 227 -20.05 26.35 17.91
N VAL B 228 -20.79 25.92 16.90
CA VAL B 228 -20.87 24.50 16.57
C VAL B 228 -19.66 23.96 15.84
N ARG B 229 -19.38 22.69 16.08
CA ARG B 229 -18.26 21.99 15.47
C ARG B 229 -18.86 20.72 14.85
N ALA B 230 -18.67 20.53 13.54
CA ALA B 230 -19.24 19.36 12.88
C ALA B 230 -18.25 18.62 11.98
N LEU B 231 -18.64 17.39 11.58
CA LEU B 231 -17.82 16.54 10.72
C LEU B 231 -18.38 16.53 9.31
N ALA B 232 -17.61 17.11 8.39
CA ALA B 232 -18.00 17.16 6.99
C ALA B 232 -17.35 15.95 6.30
N VAL B 233 -18.17 15.02 5.84
CA VAL B 233 -17.66 13.82 5.17
C VAL B 233 -17.90 13.85 3.65
N GLU B 234 -16.84 13.68 2.87
CA GLU B 234 -16.91 13.66 1.41
C GLU B 234 -17.72 12.44 0.99
N ARG B 235 -18.72 12.66 0.16
CA ARG B 235 -19.57 11.58 -0.30
C ARG B 235 -18.95 10.81 -1.46
N PHE B 236 -18.98 9.48 -1.39
CA PHE B 236 -18.43 8.68 -2.48
C PHE B 236 -19.55 8.21 -3.40
N ASP B 237 -20.74 8.79 -3.26
CA ASP B 237 -21.86 8.43 -4.14
C ASP B 237 -22.16 9.63 -5.05
N ARG B 238 -21.13 10.46 -5.23
CA ARG B 238 -21.21 11.67 -6.06
C ARG B 238 -19.87 11.86 -6.77
N ARG B 239 -19.89 12.47 -7.94
CA ARG B 239 -18.65 12.67 -8.66
C ARG B 239 -18.72 13.78 -9.68
N TRP B 240 -17.74 14.67 -9.65
CA TRP B 240 -17.67 15.76 -10.60
C TRP B 240 -17.14 15.22 -11.92
N ASN B 241 -17.73 15.62 -13.05
CA ASN B 241 -17.18 15.14 -14.30
C ASN B 241 -15.88 15.94 -14.46
N ALA B 242 -15.07 15.61 -15.46
CA ALA B 242 -13.80 16.27 -15.69
C ALA B 242 -13.85 17.79 -15.86
N ARG B 243 -14.80 18.27 -16.65
CA ARG B 243 -14.91 19.69 -16.91
C ARG B 243 -15.60 20.46 -15.79
N ARG B 244 -15.98 19.74 -14.74
CA ARG B 244 -16.64 20.34 -13.60
C ARG B 244 -17.97 20.97 -13.95
N THR B 245 -18.61 20.49 -15.01
CA THR B 245 -19.92 21.01 -15.42
C THR B 245 -21.09 20.18 -14.88
N VAL B 246 -20.82 18.94 -14.50
CA VAL B 246 -21.86 18.07 -13.97
C VAL B 246 -21.39 17.31 -12.74
N LEU B 247 -22.23 17.27 -11.72
CA LEU B 247 -21.92 16.52 -10.50
C LEU B 247 -22.80 15.30 -10.67
N LEU B 248 -22.18 14.13 -10.75
CA LEU B 248 -22.90 12.88 -10.95
C LEU B 248 -23.21 12.09 -9.68
N ARG B 249 -24.38 11.46 -9.69
CA ARG B 249 -24.84 10.62 -8.60
C ARG B 249 -24.50 9.17 -8.95
N LEU B 250 -23.89 8.43 -8.02
CA LEU B 250 -23.54 7.05 -8.27
C LEU B 250 -24.46 6.10 -7.51
N PRO B 251 -25.08 5.14 -8.21
CA PRO B 251 -26.00 4.14 -7.66
C PRO B 251 -25.33 3.41 -6.50
N GLN B 252 -26.04 3.34 -5.38
CA GLN B 252 -25.51 2.72 -4.17
C GLN B 252 -26.62 2.24 -3.22
N GLU B 253 -26.40 1.11 -2.55
CA GLU B 253 -27.36 0.63 -1.57
C GLU B 253 -26.66 -0.03 -0.38
N ASP B 254 -27.26 0.07 0.81
CA ASP B 254 -26.63 -0.56 1.97
C ASP B 254 -27.06 -2.02 2.07
N MET B 255 -26.39 -2.79 2.92
CA MET B 255 -26.68 -4.22 3.05
C MET B 255 -28.12 -4.56 3.38
N CYS B 256 -28.80 -3.71 4.14
CA CYS B 256 -30.18 -3.99 4.48
C CYS B 256 -30.99 -4.00 3.19
N GLN B 257 -30.87 -2.91 2.42
CA GLN B 257 -31.58 -2.79 1.15
C GLN B 257 -31.22 -3.93 0.19
N THR B 258 -29.93 -4.21 0.05
CA THR B 258 -29.50 -5.26 -0.86
C THR B 258 -30.16 -6.61 -0.54
N PHE B 259 -30.53 -6.80 0.74
CA PHE B 259 -31.15 -8.06 1.17
C PHE B 259 -32.66 -7.98 1.40
N GLY B 260 -33.29 -6.87 1.04
CA GLY B 260 -34.72 -6.72 1.23
C GLY B 260 -35.19 -6.63 2.68
N LEU B 261 -34.27 -6.34 3.60
CA LEU B 261 -34.59 -6.27 5.01
C LEU B 261 -34.83 -4.87 5.56
N PRO B 262 -35.70 -4.77 6.57
CA PRO B 262 -36.03 -3.48 7.21
C PRO B 262 -34.92 -3.10 8.19
N SER B 263 -34.67 -1.79 8.31
CA SER B 263 -33.64 -1.30 9.21
C SER B 263 -33.71 -1.85 10.63
N SER B 264 -34.93 -2.15 11.09
CA SER B 264 -35.13 -2.66 12.44
C SER B 264 -34.27 -3.86 12.76
N VAL B 265 -33.92 -4.65 11.74
CA VAL B 265 -33.07 -5.83 11.96
C VAL B 265 -31.67 -5.65 11.38
N LYS B 266 -31.09 -4.45 11.54
CA LYS B 266 -29.75 -4.22 11.01
C LYS B 266 -28.67 -4.84 11.89
N TYR B 267 -28.96 -5.05 13.18
CA TYR B 267 -27.99 -5.65 14.07
C TYR B 267 -28.11 -7.18 14.05
N GLU B 268 -26.97 -7.85 13.97
CA GLU B 268 -26.93 -9.30 13.95
C GLU B 268 -27.67 -9.80 15.18
N SER B 269 -27.48 -9.10 16.29
CA SER B 269 -28.12 -9.47 17.54
C SER B 269 -29.63 -9.40 17.46
N ASP B 270 -30.15 -8.67 16.47
CA ASP B 270 -31.59 -8.55 16.31
C ASP B 270 -32.06 -9.45 15.19
N GLY B 271 -31.19 -10.38 14.78
CA GLY B 271 -31.52 -11.30 13.71
C GLY B 271 -31.05 -10.86 12.33
N GLY B 272 -30.32 -9.75 12.27
CA GLY B 272 -29.82 -9.23 11.00
C GLY B 272 -28.61 -9.96 10.46
N PRO B 273 -28.05 -9.54 9.30
CA PRO B 273 -26.89 -10.16 8.68
C PRO B 273 -25.57 -10.04 9.43
N GLY B 274 -24.74 -11.07 9.31
CA GLY B 274 -23.44 -11.08 9.95
C GLY B 274 -22.31 -11.23 8.94
N ILE B 275 -21.12 -11.54 9.43
CA ILE B 275 -19.95 -11.69 8.56
C ILE B 275 -20.11 -12.78 7.51
N ALA B 276 -20.81 -13.86 7.85
CA ALA B 276 -20.98 -14.97 6.92
C ALA B 276 -21.86 -14.61 5.73
N ARG B 277 -23.04 -14.08 6.00
CA ARG B 277 -23.97 -13.67 4.96
C ARG B 277 -23.27 -12.71 4.00
N ILE B 278 -22.70 -11.64 4.57
CA ILE B 278 -22.00 -10.62 3.78
C ILE B 278 -20.84 -11.17 2.94
N MET B 279 -19.99 -11.97 3.56
CA MET B 279 -18.88 -12.55 2.82
C MET B 279 -19.37 -13.44 1.68
N ALA B 280 -20.40 -14.25 1.94
CA ALA B 280 -20.96 -15.11 0.89
C ALA B 280 -21.46 -14.19 -0.21
N PHE B 281 -22.16 -13.14 0.19
CA PHE B 281 -22.67 -12.15 -0.75
C PHE B 281 -21.54 -11.58 -1.60
N LEU B 282 -20.43 -11.23 -0.95
CA LEU B 282 -19.26 -10.66 -1.63
C LEU B 282 -18.59 -11.63 -2.60
N MET B 283 -18.91 -12.92 -2.49
CA MET B 283 -18.36 -13.89 -3.41
C MET B 283 -18.88 -13.58 -4.82
N GLY B 284 -19.97 -12.83 -4.88
CA GLY B 284 -20.57 -12.47 -6.16
C GLY B 284 -20.26 -11.04 -6.61
N SER B 285 -19.32 -10.39 -5.93
CA SER B 285 -18.94 -9.03 -6.29
C SER B 285 -18.03 -9.07 -7.51
N SER B 286 -18.01 -7.98 -8.27
CA SER B 286 -17.16 -7.88 -9.46
C SER B 286 -15.69 -7.78 -9.07
N GLU B 287 -15.44 -7.61 -7.78
CA GLU B 287 -14.09 -7.52 -7.25
C GLU B 287 -14.07 -8.42 -6.02
N ALA B 288 -14.72 -9.56 -6.15
CA ALA B 288 -14.88 -10.53 -5.08
C ALA B 288 -13.70 -10.68 -4.13
N LEU B 289 -12.55 -10.98 -4.68
CA LEU B 289 -11.36 -11.22 -3.88
C LEU B 289 -10.84 -10.00 -3.12
N LYS B 290 -10.91 -8.82 -3.72
CA LYS B 290 -10.42 -7.62 -3.07
C LYS B 290 -11.42 -7.14 -2.01
N ASP B 291 -12.69 -7.25 -2.33
CA ASP B 291 -13.72 -6.83 -1.40
C ASP B 291 -13.69 -7.74 -0.17
N ARG B 292 -13.63 -9.06 -0.40
CA ARG B 292 -13.60 -9.99 0.71
C ARG B 292 -12.40 -9.70 1.61
N TYR B 293 -11.25 -9.40 1.00
CA TYR B 293 -10.05 -9.11 1.76
C TYR B 293 -10.21 -7.83 2.56
N ASP B 294 -10.79 -6.81 1.91
CA ASP B 294 -10.96 -5.54 2.57
C ASP B 294 -11.96 -5.61 3.70
N PHE B 295 -13.03 -6.39 3.50
CA PHE B 295 -14.06 -6.55 4.51
C PHE B 295 -13.49 -7.24 5.75
N MET B 296 -12.72 -8.31 5.55
CA MET B 296 -12.13 -9.03 6.68
C MET B 296 -11.13 -8.15 7.44
N LYS B 297 -10.42 -7.29 6.71
CA LYS B 297 -9.43 -6.39 7.34
C LYS B 297 -10.18 -5.37 8.17
N PHE B 298 -11.31 -4.89 7.63
CA PHE B 298 -12.09 -3.92 8.36
C PHE B 298 -12.58 -4.52 9.69
N GLN B 299 -12.85 -5.82 9.70
CA GLN B 299 -13.32 -6.46 10.93
C GLN B 299 -12.24 -6.35 12.00
N VAL B 300 -11.00 -6.68 11.63
CA VAL B 300 -9.88 -6.58 12.56
C VAL B 300 -9.73 -5.13 13.03
N PHE B 301 -9.86 -4.18 12.11
CA PHE B 301 -9.74 -2.77 12.45
C PHE B 301 -10.74 -2.36 13.51
N GLN B 302 -12.01 -2.70 13.29
CA GLN B 302 -13.06 -2.36 14.23
C GLN B 302 -12.80 -2.89 15.63
N TRP B 303 -12.25 -4.10 15.70
CA TRP B 303 -11.92 -4.73 16.98
C TRP B 303 -10.80 -3.92 17.66
N LEU B 304 -9.73 -3.64 16.93
CA LEU B 304 -8.62 -2.87 17.47
C LEU B 304 -9.01 -1.48 18.01
N ILE B 305 -9.98 -0.80 17.39
CA ILE B 305 -10.37 0.52 17.89
C ILE B 305 -11.73 0.60 18.60
N GLY B 306 -12.22 -0.50 19.14
CA GLY B 306 -13.50 -0.47 19.85
C GLY B 306 -14.72 0.01 19.07
N ALA B 307 -14.74 -0.21 17.75
CA ALA B 307 -15.90 0.18 16.95
C ALA B 307 -17.00 -0.87 17.16
N THR B 308 -18.06 -0.51 17.86
CA THR B 308 -19.14 -1.46 18.17
C THR B 308 -20.42 -1.35 17.36
N GLN B 309 -20.47 -0.39 16.44
CA GLN B 309 -21.66 -0.19 15.64
C GLN B 309 -21.50 -0.55 14.15
N GLY B 310 -20.77 -1.62 13.87
CA GLY B 310 -20.57 -2.03 12.49
C GLY B 310 -21.70 -2.91 11.97
N HIS B 311 -22.94 -2.44 12.14
CA HIS B 311 -24.12 -3.17 11.71
C HIS B 311 -24.22 -3.23 10.18
N ALA B 312 -25.38 -3.67 9.67
CA ALA B 312 -25.58 -3.83 8.24
C ALA B 312 -25.77 -2.56 7.40
N LYS B 313 -26.40 -1.53 7.95
CA LYS B 313 -26.57 -0.29 7.20
C LYS B 313 -25.24 0.45 7.06
N ASN B 314 -24.22 -0.04 7.77
CA ASN B 314 -22.90 0.60 7.69
C ASN B 314 -21.96 -0.03 6.66
N PHE B 315 -22.51 -0.84 5.76
CA PHE B 315 -21.75 -1.43 4.67
C PHE B 315 -22.64 -1.31 3.44
N SER B 316 -22.08 -0.80 2.35
CA SER B 316 -22.83 -0.60 1.10
C SER B 316 -22.10 -1.12 -0.14
N VAL B 317 -22.85 -1.20 -1.23
CA VAL B 317 -22.29 -1.64 -2.50
C VAL B 317 -22.76 -0.69 -3.58
N PHE B 318 -21.92 -0.48 -4.58
CA PHE B 318 -22.30 0.36 -5.71
C PHE B 318 -23.07 -0.56 -6.67
N ILE B 319 -24.07 -0.04 -7.35
CA ILE B 319 -24.78 -0.87 -8.32
C ILE B 319 -24.23 -0.44 -9.67
N GLN B 320 -23.64 -1.39 -10.39
CA GLN B 320 -23.05 -1.10 -11.69
C GLN B 320 -23.91 -1.46 -12.89
N ALA B 321 -23.39 -1.15 -14.07
CA ALA B 321 -24.10 -1.43 -15.31
C ALA B 321 -24.31 -2.93 -15.44
N GLY B 322 -25.46 -3.31 -16.00
CA GLY B 322 -25.76 -4.72 -16.14
C GLY B 322 -26.25 -5.34 -14.85
N GLY B 323 -26.12 -4.59 -13.76
CA GLY B 323 -26.58 -5.10 -12.47
C GLY B 323 -25.51 -5.71 -11.59
N SER B 324 -24.25 -5.58 -11.98
CA SER B 324 -23.16 -6.12 -11.17
C SER B 324 -22.97 -5.17 -9.97
N TYR B 325 -22.28 -5.65 -8.94
CA TYR B 325 -22.03 -4.82 -7.76
C TYR B 325 -20.62 -4.86 -7.24
N ARG B 326 -20.31 -3.88 -6.40
CA ARG B 326 -18.99 -3.70 -5.82
C ARG B 326 -19.14 -3.03 -4.45
N LEU B 327 -18.28 -3.37 -3.51
CA LEU B 327 -18.32 -2.80 -2.16
C LEU B 327 -17.82 -1.33 -2.20
N THR B 328 -18.50 -0.42 -1.49
CA THR B 328 -18.09 0.99 -1.44
C THR B 328 -17.09 1.16 -0.29
N PRO B 329 -16.54 2.38 -0.10
CA PRO B 329 -15.59 2.59 1.00
C PRO B 329 -16.35 2.41 2.31
N PHE B 330 -15.63 2.19 3.41
CA PHE B 330 -16.29 2.04 4.70
C PHE B 330 -16.61 3.44 5.22
N TYR B 331 -17.51 3.52 6.22
CA TYR B 331 -17.93 4.80 6.80
C TYR B 331 -18.58 4.62 8.17
N ASP B 332 -18.89 5.75 8.82
CA ASP B 332 -19.51 5.76 10.15
C ASP B 332 -18.64 5.01 11.15
N ILE B 333 -17.37 5.38 11.20
CA ILE B 333 -16.40 4.74 12.09
C ILE B 333 -16.29 5.53 13.38
N ILE B 334 -16.67 4.90 14.50
CA ILE B 334 -16.58 5.56 15.79
C ILE B 334 -16.07 4.58 16.85
N SER B 335 -15.18 5.05 17.72
CA SER B 335 -14.67 4.17 18.76
C SER B 335 -15.50 4.32 20.04
N ALA B 336 -15.60 3.25 20.81
CA ALA B 336 -16.34 3.29 22.05
C ALA B 336 -15.37 3.48 23.23
N PHE B 337 -14.08 3.48 22.95
CA PHE B 337 -13.10 3.64 24.03
C PHE B 337 -13.27 4.97 24.80
N PRO B 338 -13.46 6.09 24.09
CA PRO B 338 -13.62 7.39 24.77
C PRO B 338 -14.92 7.50 25.59
N VAL B 339 -15.79 6.49 25.48
CA VAL B 339 -17.05 6.53 26.19
C VAL B 339 -16.98 5.73 27.49
N LEU B 340 -15.92 4.97 27.65
CA LEU B 340 -15.74 4.15 28.85
C LEU B 340 -15.62 4.99 30.11
N GLY B 341 -16.17 4.48 31.22
CA GLY B 341 -16.10 5.15 32.50
C GLY B 341 -17.17 6.20 32.82
N GLY B 342 -17.36 7.15 31.91
CA GLY B 342 -18.34 8.21 32.11
C GLY B 342 -19.70 7.80 32.64
N THR B 343 -20.31 6.79 32.04
CA THR B 343 -21.61 6.34 32.48
C THR B 343 -21.54 4.94 33.09
N GLY B 344 -20.35 4.54 33.50
CA GLY B 344 -20.17 3.22 34.10
C GLY B 344 -19.80 2.08 33.17
N ILE B 345 -19.73 2.32 31.86
CA ILE B 345 -19.37 1.25 30.93
C ILE B 345 -17.88 0.91 31.03
N HIS B 346 -17.57 -0.40 31.08
CA HIS B 346 -16.20 -0.86 31.19
C HIS B 346 -15.78 -1.59 29.90
N ILE B 347 -14.48 -1.63 29.63
CA ILE B 347 -13.96 -2.27 28.43
C ILE B 347 -14.50 -3.69 28.23
N SER B 348 -14.73 -4.41 29.31
CA SER B 348 -15.25 -5.78 29.22
C SER B 348 -16.68 -5.84 28.68
N ASP B 349 -17.34 -4.68 28.58
CA ASP B 349 -18.73 -4.62 28.11
C ASP B 349 -18.87 -4.44 26.60
N LEU B 350 -17.80 -3.96 25.96
CA LEU B 350 -17.81 -3.70 24.53
C LEU B 350 -17.95 -4.93 23.65
N LYS B 351 -18.84 -4.88 22.69
CA LYS B 351 -19.05 -6.02 21.80
C LYS B 351 -19.11 -5.58 20.33
N LEU B 352 -18.55 -6.41 19.45
CA LEU B 352 -18.58 -6.13 18.01
C LEU B 352 -20.01 -6.36 17.57
N ALA B 353 -20.48 -5.62 16.57
CA ALA B 353 -21.83 -5.77 16.06
C ALA B 353 -22.00 -7.10 15.34
N MET B 354 -20.92 -7.57 14.72
CA MET B 354 -20.90 -8.87 14.02
C MET B 354 -19.85 -9.75 14.66
N GLY B 355 -20.28 -10.84 15.27
CA GLY B 355 -19.34 -11.72 15.94
C GLY B 355 -18.48 -12.61 15.07
N LEU B 356 -17.43 -13.14 15.70
CA LEU B 356 -16.49 -14.04 15.04
C LEU B 356 -16.74 -15.44 15.63
N ASN B 357 -16.23 -16.46 14.95
CA ASN B 357 -16.40 -17.83 15.43
C ASN B 357 -15.54 -18.11 16.66
N ALA B 358 -16.15 -18.79 17.63
CA ALA B 358 -15.48 -19.20 18.86
C ALA B 358 -15.54 -20.72 18.90
N SER B 359 -14.86 -21.34 19.85
CA SER B 359 -14.84 -22.80 19.98
C SER B 359 -16.25 -23.31 19.68
N LYS B 360 -17.22 -22.76 20.40
CA LYS B 360 -18.62 -23.12 20.21
C LYS B 360 -19.40 -21.80 20.08
N GLY B 361 -20.03 -21.60 18.94
CA GLY B 361 -20.79 -20.37 18.73
C GLY B 361 -19.94 -19.20 18.29
N LYS B 362 -20.33 -18.00 18.72
CA LYS B 362 -19.62 -16.79 18.34
C LYS B 362 -19.13 -15.95 19.51
N LYS B 363 -18.10 -15.17 19.27
CA LYS B 363 -17.58 -14.26 20.28
C LYS B 363 -17.80 -12.88 19.74
N THR B 364 -18.24 -11.96 20.61
CA THR B 364 -18.49 -10.58 20.23
C THR B 364 -17.75 -9.65 21.17
N ALA B 365 -17.48 -10.11 22.39
CA ALA B 365 -16.78 -9.30 23.39
C ALA B 365 -15.37 -9.04 22.91
N ILE B 366 -15.07 -7.76 22.70
CA ILE B 366 -13.77 -7.29 22.23
C ILE B 366 -12.59 -7.71 23.09
N ASP B 367 -12.75 -7.65 24.41
CA ASP B 367 -11.67 -8.01 25.34
C ASP B 367 -11.34 -9.49 25.29
N LYS B 368 -12.28 -10.29 24.78
CA LYS B 368 -12.10 -11.74 24.70
C LYS B 368 -11.76 -12.22 23.29
N ILE B 369 -11.59 -11.29 22.37
CA ILE B 369 -11.28 -11.65 20.99
C ILE B 369 -9.78 -11.59 20.69
N TYR B 370 -9.28 -12.66 20.10
CA TYR B 370 -7.86 -12.78 19.75
C TYR B 370 -7.75 -13.15 18.27
N PRO B 371 -6.55 -12.99 17.68
CA PRO B 371 -6.34 -13.33 16.27
C PRO B 371 -6.85 -14.71 15.88
N ARG B 372 -6.85 -15.64 16.82
CA ARG B 372 -7.31 -17.01 16.53
C ARG B 372 -8.77 -17.04 16.10
N HIS B 373 -9.56 -16.10 16.59
CA HIS B 373 -10.97 -16.05 16.23
C HIS B 373 -11.12 -15.54 14.80
N PHE B 374 -10.25 -14.64 14.38
CA PHE B 374 -10.34 -14.15 13.01
C PHE B 374 -9.88 -15.29 12.10
N LEU B 375 -8.79 -15.95 12.48
CA LEU B 375 -8.27 -17.07 11.71
C LEU B 375 -9.35 -18.16 11.60
N ALA B 376 -10.01 -18.44 12.72
CA ALA B 376 -11.05 -19.46 12.74
C ALA B 376 -12.25 -19.07 11.88
N THR B 377 -12.59 -17.79 11.85
CA THR B 377 -13.73 -17.35 11.04
C THR B 377 -13.34 -17.41 9.56
N ALA B 378 -12.07 -17.14 9.29
CA ALA B 378 -11.57 -17.16 7.92
C ALA B 378 -11.57 -18.56 7.34
N LYS B 379 -11.32 -19.55 8.18
CA LYS B 379 -11.29 -20.93 7.72
C LYS B 379 -12.67 -21.47 7.30
N VAL B 380 -13.70 -21.23 8.12
CA VAL B 380 -15.03 -21.71 7.79
C VAL B 380 -15.60 -20.91 6.62
N LEU B 381 -15.13 -19.68 6.44
CA LEU B 381 -15.59 -18.82 5.35
C LEU B 381 -14.75 -18.94 4.08
N ARG B 382 -13.79 -19.86 4.07
CA ARG B 382 -12.96 -20.07 2.89
C ARG B 382 -12.27 -18.79 2.41
N PHE B 383 -11.73 -18.04 3.36
CA PHE B 383 -10.99 -16.82 3.06
C PHE B 383 -9.56 -17.28 3.32
N PRO B 384 -8.74 -17.39 2.26
CA PRO B 384 -7.35 -17.83 2.35
C PRO B 384 -6.63 -17.43 3.64
N GLU B 385 -6.17 -18.43 4.38
CA GLU B 385 -5.44 -18.20 5.64
C GLU B 385 -4.20 -17.34 5.46
N VAL B 386 -3.52 -17.50 4.33
CA VAL B 386 -2.31 -16.72 4.06
C VAL B 386 -2.67 -15.23 3.99
N GLN B 387 -3.89 -14.94 3.54
CA GLN B 387 -4.34 -13.56 3.44
C GLN B 387 -4.67 -13.03 4.84
N MET B 388 -5.37 -13.82 5.64
CA MET B 388 -5.74 -13.42 7.01
C MET B 388 -4.45 -13.13 7.77
N HIS B 389 -3.46 -13.99 7.58
CA HIS B 389 -2.17 -13.82 8.25
C HIS B 389 -1.50 -12.52 7.79
N GLU B 390 -1.66 -12.19 6.51
CA GLU B 390 -1.06 -10.98 5.96
C GLU B 390 -1.67 -9.75 6.60
N ILE B 391 -2.98 -9.81 6.82
CA ILE B 391 -3.72 -8.73 7.45
C ILE B 391 -3.24 -8.47 8.89
N LEU B 392 -3.25 -9.51 9.71
CA LEU B 392 -2.84 -9.43 11.09
C LEU B 392 -1.39 -8.96 11.23
N SER B 393 -0.51 -9.50 10.41
CA SER B 393 0.90 -9.14 10.46
C SER B 393 1.15 -7.69 10.05
N ASP B 394 0.30 -7.16 9.17
CA ASP B 394 0.40 -5.77 8.73
C ASP B 394 0.01 -4.81 9.85
N PHE B 395 -1.07 -5.12 10.56
CA PHE B 395 -1.51 -4.26 11.67
C PHE B 395 -0.48 -4.32 12.78
N ALA B 396 0.13 -5.49 12.95
CA ALA B 396 1.14 -5.68 13.99
C ALA B 396 2.26 -4.68 13.84
N ARG B 397 2.86 -4.61 12.67
CA ARG B 397 3.98 -3.71 12.45
C ARG B 397 3.61 -2.25 12.21
N MET B 398 2.43 -2.01 11.65
CA MET B 398 2.00 -0.63 11.34
C MET B 398 1.29 0.16 12.45
N ILE B 399 0.49 -0.50 13.29
CA ILE B 399 -0.24 0.24 14.32
C ILE B 399 0.52 1.33 15.10
N PRO B 400 1.63 0.98 15.77
CA PRO B 400 2.37 1.99 16.53
C PRO B 400 2.69 3.28 15.80
N ALA B 401 3.30 3.15 14.63
CA ALA B 401 3.67 4.31 13.83
C ALA B 401 2.44 5.03 13.31
N ALA B 402 1.38 4.27 13.04
CA ALA B 402 0.14 4.85 12.53
C ALA B 402 -0.51 5.74 13.57
N LEU B 403 -0.53 5.28 14.82
CA LEU B 403 -1.12 6.08 15.89
C LEU B 403 -0.33 7.38 16.11
N ASP B 404 1.00 7.29 16.02
CA ASP B 404 1.83 8.48 16.24
C ASP B 404 1.78 9.49 15.11
N ASN B 405 1.66 9.01 13.88
CA ASN B 405 1.59 9.92 12.74
C ASN B 405 0.33 10.77 12.87
N VAL B 406 -0.77 10.11 13.18
CA VAL B 406 -2.07 10.76 13.35
C VAL B 406 -2.10 11.78 14.50
N LYS B 407 -1.44 11.46 15.61
CA LYS B 407 -1.42 12.33 16.78
C LYS B 407 -0.77 13.69 16.49
N THR B 408 0.20 13.69 15.58
CA THR B 408 0.89 14.93 15.24
C THR B 408 0.11 15.75 14.20
N SER B 409 -0.83 15.08 13.50
CA SER B 409 -1.60 15.74 12.46
C SER B 409 -2.93 16.31 12.95
N LEU B 410 -3.21 16.13 14.24
CA LEU B 410 -4.45 16.62 14.82
C LEU B 410 -4.34 18.10 15.18
N PRO B 411 -5.44 18.86 15.07
CA PRO B 411 -5.40 20.28 15.40
C PRO B 411 -4.97 20.42 16.85
N THR B 412 -4.48 21.60 17.24
CA THR B 412 -4.00 21.82 18.61
C THR B 412 -5.10 21.88 19.66
N ASP B 413 -6.35 21.88 19.21
CA ASP B 413 -7.47 21.93 20.15
C ASP B 413 -8.24 20.61 20.23
N PHE B 414 -7.62 19.52 19.79
CA PHE B 414 -8.27 18.21 19.84
C PHE B 414 -8.27 17.62 21.25
N PRO B 415 -9.42 17.14 21.74
CA PRO B 415 -9.62 16.54 23.06
C PRO B 415 -8.67 15.39 23.38
N GLU B 416 -7.69 15.68 24.23
CA GLU B 416 -6.67 14.72 24.65
C GLU B 416 -7.22 13.41 25.20
N ASN B 417 -8.32 13.46 25.93
CA ASN B 417 -8.88 12.25 26.50
C ASN B 417 -9.36 11.29 25.40
N VAL B 418 -9.69 11.83 24.24
CA VAL B 418 -10.14 11.00 23.13
C VAL B 418 -8.94 10.21 22.61
N VAL B 419 -7.82 10.91 22.41
CA VAL B 419 -6.61 10.28 21.92
C VAL B 419 -6.06 9.29 22.95
N THR B 420 -6.02 9.72 24.20
CA THR B 420 -5.50 8.90 25.30
C THR B 420 -6.25 7.60 25.46
N ALA B 421 -7.58 7.68 25.44
CA ALA B 421 -8.39 6.48 25.60
C ALA B 421 -8.24 5.55 24.39
N VAL B 422 -8.19 6.10 23.18
CA VAL B 422 -8.06 5.24 22.01
C VAL B 422 -6.68 4.57 21.90
N GLU B 423 -5.60 5.34 22.00
CA GLU B 423 -4.26 4.77 21.91
C GLU B 423 -3.99 3.71 22.95
N SER B 424 -4.32 4.01 24.20
CA SER B 424 -4.08 3.05 25.27
C SER B 424 -4.71 1.67 25.01
N ASN B 425 -5.95 1.65 24.55
CA ASN B 425 -6.66 0.41 24.29
C ASN B 425 -6.24 -0.25 23.00
N VAL B 426 -5.91 0.56 21.99
CA VAL B 426 -5.48 0.03 20.70
C VAL B 426 -4.16 -0.69 20.88
N LEU B 427 -3.24 -0.08 21.60
CA LEU B 427 -1.92 -0.68 21.84
C LEU B 427 -2.08 -1.92 22.72
N ARG B 428 -3.09 -1.93 23.59
CA ARG B 428 -3.31 -3.09 24.45
C ARG B 428 -3.73 -4.28 23.57
N LEU B 429 -4.69 -4.05 22.67
CA LEU B 429 -5.16 -5.11 21.77
C LEU B 429 -4.06 -5.45 20.75
N HIS B 430 -3.34 -4.43 20.31
CA HIS B 430 -2.25 -4.61 19.35
C HIS B 430 -1.20 -5.60 19.87
N GLY B 431 -1.12 -5.74 21.19
CA GLY B 431 -0.16 -6.65 21.77
C GLY B 431 -0.48 -8.09 21.45
N ARG B 432 -1.73 -8.38 21.09
CA ARG B 432 -2.13 -9.75 20.77
C ARG B 432 -1.76 -10.22 19.35
N LEU B 433 -1.19 -9.34 18.54
CA LEU B 433 -0.80 -9.68 17.16
C LEU B 433 0.68 -10.08 17.05
N SER B 434 0.95 -11.23 16.44
CA SER B 434 2.32 -11.70 16.26
C SER B 434 3.03 -10.96 15.12
N ARG B 435 4.07 -10.22 15.47
CA ARG B 435 4.82 -9.46 14.48
C ARG B 435 6.14 -10.12 14.15
PB ADP C . 21.80 -2.35 0.80
O1B ADP C . 20.55 -1.63 0.60
O2B ADP C . 23.18 -1.94 1.07
O3B ADP C . 21.62 -3.99 0.74
PA ADP C . 22.98 -2.61 -2.03
O1A ADP C . 24.29 -1.88 -2.06
O2A ADP C . 23.05 -4.08 -2.00
O3A ADP C . 21.95 -2.21 -0.80
O5' ADP C . 22.19 -2.06 -3.27
C5' ADP C . 20.85 -2.52 -3.56
C4' ADP C . 20.69 -3.31 -4.86
O4' ADP C . 21.02 -2.50 -6.04
C3' ADP C . 21.51 -4.63 -5.06
O3' ADP C . 20.80 -5.78 -4.55
C2' ADP C . 21.78 -4.62 -6.53
O2' ADP C . 20.68 -5.25 -7.26
C1' ADP C . 21.89 -3.18 -6.97
N9 ADP C . 23.24 -2.49 -6.96
C8 ADP C . 24.10 -2.13 -5.92
N7 ADP C . 25.20 -1.52 -6.30
C5 ADP C . 25.05 -1.49 -7.68
C6 ADP C . 25.87 -0.98 -8.77
N6 ADP C . 27.04 -0.38 -8.53
N1 ADP C . 25.41 -1.11 -10.09
C2 ADP C . 24.21 -1.72 -10.36
N3 ADP C . 23.35 -2.25 -9.42
C4 ADP C . 23.84 -2.09 -8.09
MG MG D . 21.60 -6.25 -1.38
S SO4 E . 37.93 -28.18 11.24
O1 SO4 E . 36.66 -28.88 11.52
O2 SO4 E . 39.01 -28.73 12.07
O3 SO4 E . 38.27 -28.37 9.81
O4 SO4 E . 37.76 -26.75 11.51
PB ADP F . -25.22 7.78 11.46
O1B ADP F . -26.32 8.68 11.18
O2B ADP F . -23.81 7.95 11.81
O3B ADP F . -25.71 6.21 11.38
PA ADP F . -23.82 7.36 8.74
O1A ADP F . -22.42 7.86 8.84
O2A ADP F . -23.95 5.89 8.74
O3A ADP F . -24.91 7.90 9.88
O5' ADP F . -24.39 8.02 7.43
C5' ADP F . -25.75 7.76 7.00
C4' ADP F . -25.88 6.95 5.72
O4' ADP F . -25.42 7.70 4.55
C3' ADP F . -25.12 5.60 5.59
O3' ADP F . -25.90 4.50 6.11
C2' ADP F . -24.80 5.54 4.13
O2' ADP F . -25.93 5.00 3.40
C1' ADP F . -24.53 6.94 3.69
N9 ADP F . -23.12 7.50 3.82
C8 ADP F . -22.33 7.78 4.93
N7 ADP F . -21.15 8.27 4.66
C5 ADP F . -21.15 8.33 3.29
C6 ADP F . -20.18 8.79 2.32
N6 ADP F . -18.99 9.26 2.71
N1 ADP F . -20.48 8.71 0.95
C2 ADP F . -21.69 8.22 0.53
N3 ADP F . -22.71 7.77 1.37
C4 ADP F . -22.36 7.85 2.74
MG MG G . -23.41 6.32 13.87
MG MG H . -24.73 4.29 10.36
S SO4 I . -12.24 -19.97 22.33
O1 SO4 I . -13.70 -20.04 22.20
O2 SO4 I . -11.78 -20.86 23.41
O3 SO4 I . -11.61 -20.38 21.05
O4 SO4 I . -11.84 -18.58 22.66
#